data_2HDZ
# 
_entry.id   2HDZ 
# 
_audit_conform.dict_name       mmcif_pdbx.dic 
_audit_conform.dict_version    5.388 
_audit_conform.dict_location   http://mmcif.pdb.org/dictionaries/ascii/mmcif_pdbx.dic 
# 
loop_
_database_2.database_id 
_database_2.database_code 
_database_2.pdbx_database_accession 
_database_2.pdbx_DOI 
PDB   2HDZ         pdb_00002hdz 10.2210/pdb2hdz/pdb 
RCSB  RCSB038242   ?            ?                   
WWPDB D_1000038242 ?            ?                   
# 
loop_
_pdbx_audit_revision_history.ordinal 
_pdbx_audit_revision_history.data_content_type 
_pdbx_audit_revision_history.major_revision 
_pdbx_audit_revision_history.minor_revision 
_pdbx_audit_revision_history.revision_date 
1 'Structure model' 1 0 2007-06-26 
2 'Structure model' 1 1 2008-05-01 
3 'Structure model' 1 2 2011-07-13 
4 'Structure model' 1 3 2017-10-18 
5 'Structure model' 1 4 2024-03-13 
# 
_pdbx_audit_revision_details.ordinal             1 
_pdbx_audit_revision_details.revision_ordinal    1 
_pdbx_audit_revision_details.data_content_type   'Structure model' 
_pdbx_audit_revision_details.provider            repository 
_pdbx_audit_revision_details.type                'Initial release' 
_pdbx_audit_revision_details.description         ? 
_pdbx_audit_revision_details.details             ? 
# 
loop_
_pdbx_audit_revision_group.ordinal 
_pdbx_audit_revision_group.revision_ordinal 
_pdbx_audit_revision_group.data_content_type 
_pdbx_audit_revision_group.group 
1 2 'Structure model' 'Version format compliance' 
2 3 'Structure model' Advisory                    
3 3 'Structure model' 'Version format compliance' 
4 4 'Structure model' 'Refinement description'    
5 5 'Structure model' 'Data collection'           
6 5 'Structure model' 'Database references'       
# 
loop_
_pdbx_audit_revision_category.ordinal 
_pdbx_audit_revision_category.revision_ordinal 
_pdbx_audit_revision_category.data_content_type 
_pdbx_audit_revision_category.category 
1 4 'Structure model' software           
2 5 'Structure model' chem_comp_atom     
3 5 'Structure model' chem_comp_bond     
4 5 'Structure model' database_2         
5 5 'Structure model' struct_ref_seq_dif 
# 
loop_
_pdbx_audit_revision_item.ordinal 
_pdbx_audit_revision_item.revision_ordinal 
_pdbx_audit_revision_item.data_content_type 
_pdbx_audit_revision_item.item 
1  4 'Structure model' '_software.classification'            
2  4 'Structure model' '_software.contact_author'            
3  4 'Structure model' '_software.contact_author_email'      
4  4 'Structure model' '_software.date'                      
5  4 'Structure model' '_software.language'                  
6  4 'Structure model' '_software.location'                  
7  4 'Structure model' '_software.name'                      
8  4 'Structure model' '_software.type'                      
9  4 'Structure model' '_software.version'                   
10 5 'Structure model' '_database_2.pdbx_DOI'                
11 5 'Structure model' '_database_2.pdbx_database_accession' 
12 5 'Structure model' '_struct_ref_seq_dif.details'         
# 
_pdbx_database_status.entry_id                        2HDZ 
_pdbx_database_status.deposit_site                    RCSB 
_pdbx_database_status.process_site                    PDBJ 
_pdbx_database_status.recvd_initial_deposition_date   2006-06-21 
_pdbx_database_status.status_code                     REL 
_pdbx_database_status.status_code_sf                  REL 
_pdbx_database_status.status_code_mr                  ? 
_pdbx_database_status.SG_entry                        ? 
_pdbx_database_status.status_code_cs                  ? 
_pdbx_database_status.pdb_format_compatible           Y 
_pdbx_database_status.methods_development_category    ? 
_pdbx_database_status.status_code_nmr_data            ? 
# 
loop_
_audit_author.name 
_audit_author.pdbx_ordinal 
'Rong, H.'   1 
'Teng, M.K.' 2 
'Niu, L.W.'  3 
# 
_citation.id                        primary 
_citation.title                     
'Structure of human upstream binding factor HMG box 5 and site for binding of the cell-cycle regulatory factor TAF1' 
_citation.journal_abbrev            'Acta Crystallogr.,Sect.D' 
_citation.journal_volume            63 
_citation.page_first                730 
_citation.page_last                 737 
_citation.year                      2007 
_citation.journal_id_ASTM           ABCRE6 
_citation.country                   DK 
_citation.journal_id_ISSN           0907-4449 
_citation.journal_id_CSD            0766 
_citation.book_publisher            ? 
_citation.pdbx_database_id_PubMed   17505112 
_citation.pdbx_database_id_DOI      10.1107/S0907444907017027 
# 
loop_
_citation_author.citation_id 
_citation_author.name 
_citation_author.ordinal 
_citation_author.identifier_ORCID 
primary 'Rong, H.'   1  ? 
primary 'Li, Y.'     2  ? 
primary 'Shi, X.'    3  ? 
primary 'Zhang, X.'  4  ? 
primary 'Gao, Y.'    5  ? 
primary 'Dai, H.'    6  ? 
primary 'Teng, M.K.' 7  ? 
primary 'Niu, L.W.'  8  ? 
primary 'Liu, Q.'    9  ? 
primary 'Hao, Q.'    10 ? 
# 
loop_
_entity.id 
_entity.type 
_entity.src_method 
_entity.pdbx_description 
_entity.formula_weight 
_entity.pdbx_number_of_molecules 
_entity.pdbx_ec 
_entity.pdbx_mutation 
_entity.pdbx_fragment 
_entity.details 
1 polymer man 'Nucleolar transcription factor 1' 10891.573 1  ? ? 'HMG box 5' ? 
2 water   nat water                              18.015    91 ? ? ?           ? 
# 
_entity_name_com.entity_id   1 
_entity_name_com.name        'Upstream-binding factor 1, UBF-1, Autoantigen NOR-90' 
# 
_entity_poly.entity_id                      1 
_entity_poly.type                           'polypeptide(L)' 
_entity_poly.nstd_linkage                   no 
_entity_poly.nstd_monomer                   no 
_entity_poly.pdbx_seq_one_letter_code       
;MGKLPESPKRAEEIWQQSVIGDYLARFKNDRVKALKAMEMTWNNMEKKEKLMWIKKAAEDQKRYERELSEMRAPPAATNS
SKKLEHHHHHH
;
_entity_poly.pdbx_seq_one_letter_code_can   
;MGKLPESPKRAEEIWQQSVIGDYLARFKNDRVKALKAMEMTWNNMEKKEKLMWIKKAAEDQKRYERELSEMRAPPAATNS
SKKLEHHHHHH
;
_entity_poly.pdbx_strand_id                 A 
_entity_poly.pdbx_target_identifier         ? 
# 
_pdbx_entity_nonpoly.entity_id   2 
_pdbx_entity_nonpoly.name        water 
_pdbx_entity_nonpoly.comp_id     HOH 
# 
loop_
_entity_poly_seq.entity_id 
_entity_poly_seq.num 
_entity_poly_seq.mon_id 
_entity_poly_seq.hetero 
1 1  MET n 
1 2  GLY n 
1 3  LYS n 
1 4  LEU n 
1 5  PRO n 
1 6  GLU n 
1 7  SER n 
1 8  PRO n 
1 9  LYS n 
1 10 ARG n 
1 11 ALA n 
1 12 GLU n 
1 13 GLU n 
1 14 ILE n 
1 15 TRP n 
1 16 GLN n 
1 17 GLN n 
1 18 SER n 
1 19 VAL n 
1 20 ILE n 
1 21 GLY n 
1 22 ASP n 
1 23 TYR n 
1 24 LEU n 
1 25 ALA n 
1 26 ARG n 
1 27 PHE n 
1 28 LYS n 
1 29 ASN n 
1 30 ASP n 
1 31 ARG n 
1 32 VAL n 
1 33 LYS n 
1 34 ALA n 
1 35 LEU n 
1 36 LYS n 
1 37 ALA n 
1 38 MET n 
1 39 GLU n 
1 40 MET n 
1 41 THR n 
1 42 TRP n 
1 43 ASN n 
1 44 ASN n 
1 45 MET n 
1 46 GLU n 
1 47 LYS n 
1 48 LYS n 
1 49 GLU n 
1 50 LYS n 
1 51 LEU n 
1 52 MET n 
1 53 TRP n 
1 54 ILE n 
1 55 LYS n 
1 56 LYS n 
1 57 ALA n 
1 58 ALA n 
1 59 GLU n 
1 60 ASP n 
1 61 GLN n 
1 62 LYS n 
1 63 ARG n 
1 64 TYR n 
1 65 GLU n 
1 66 ARG n 
1 67 GLU n 
1 68 LEU n 
1 69 SER n 
1 70 GLU n 
1 71 MET n 
1 72 ARG n 
1 73 ALA n 
1 74 PRO n 
1 75 PRO n 
1 76 ALA n 
1 77 ALA n 
1 78 THR n 
1 79 ASN n 
1 80 SER n 
1 81 SER n 
1 82 LYS n 
1 83 LYS n 
1 84 LEU n 
1 85 GLU n 
1 86 HIS n 
1 87 HIS n 
1 88 HIS n 
1 89 HIS n 
1 90 HIS n 
1 91 HIS n 
# 
_entity_src_gen.entity_id                          1 
_entity_src_gen.pdbx_src_id                        1 
_entity_src_gen.pdbx_alt_source_flag               sample 
_entity_src_gen.pdbx_seq_type                      ? 
_entity_src_gen.pdbx_beg_seq_num                   ? 
_entity_src_gen.pdbx_end_seq_num                   ? 
_entity_src_gen.gene_src_common_name               human 
_entity_src_gen.gene_src_genus                     ? 
_entity_src_gen.pdbx_gene_src_gene                 UBF 
_entity_src_gen.gene_src_species                   ? 
_entity_src_gen.gene_src_strain                    ? 
_entity_src_gen.gene_src_tissue                    ? 
_entity_src_gen.gene_src_tissue_fraction           ? 
_entity_src_gen.gene_src_details                   ? 
_entity_src_gen.pdbx_gene_src_fragment             ? 
_entity_src_gen.pdbx_gene_src_scientific_name      'Homo sapiens' 
_entity_src_gen.pdbx_gene_src_ncbi_taxonomy_id     9606 
_entity_src_gen.pdbx_gene_src_variant              ? 
_entity_src_gen.pdbx_gene_src_cell_line            ? 
_entity_src_gen.pdbx_gene_src_atcc                 ? 
_entity_src_gen.pdbx_gene_src_organ                ? 
_entity_src_gen.pdbx_gene_src_organelle            ? 
_entity_src_gen.pdbx_gene_src_cell                 ? 
_entity_src_gen.pdbx_gene_src_cellular_location    ? 
_entity_src_gen.host_org_common_name               ? 
_entity_src_gen.pdbx_host_org_scientific_name      'Escherichia coli' 
_entity_src_gen.pdbx_host_org_ncbi_taxonomy_id     469008 
_entity_src_gen.host_org_genus                     ? 
_entity_src_gen.pdbx_host_org_gene                 ? 
_entity_src_gen.pdbx_host_org_organ                ? 
_entity_src_gen.host_org_species                   ? 
_entity_src_gen.pdbx_host_org_tissue               ? 
_entity_src_gen.pdbx_host_org_tissue_fraction      ? 
_entity_src_gen.pdbx_host_org_strain               'BL21(DE3)' 
_entity_src_gen.pdbx_host_org_variant              ? 
_entity_src_gen.pdbx_host_org_cell_line            ? 
_entity_src_gen.pdbx_host_org_atcc                 ? 
_entity_src_gen.pdbx_host_org_culture_collection   ? 
_entity_src_gen.pdbx_host_org_cell                 ? 
_entity_src_gen.pdbx_host_org_organelle            ? 
_entity_src_gen.pdbx_host_org_cellular_location    ? 
_entity_src_gen.pdbx_host_org_vector_type          plasmid 
_entity_src_gen.pdbx_host_org_vector               ? 
_entity_src_gen.host_org_details                   ? 
_entity_src_gen.expression_system_id               ? 
_entity_src_gen.plasmid_name                       pET22b 
_entity_src_gen.plasmid_details                    ? 
_entity_src_gen.pdbx_description                   ? 
# 
loop_
_chem_comp.id 
_chem_comp.type 
_chem_comp.mon_nstd_flag 
_chem_comp.name 
_chem_comp.pdbx_synonyms 
_chem_comp.formula 
_chem_comp.formula_weight 
ALA 'L-peptide linking' y ALANINE         ? 'C3 H7 N O2'     89.093  
ARG 'L-peptide linking' y ARGININE        ? 'C6 H15 N4 O2 1' 175.209 
ASN 'L-peptide linking' y ASPARAGINE      ? 'C4 H8 N2 O3'    132.118 
ASP 'L-peptide linking' y 'ASPARTIC ACID' ? 'C4 H7 N O4'     133.103 
GLN 'L-peptide linking' y GLUTAMINE       ? 'C5 H10 N2 O3'   146.144 
GLU 'L-peptide linking' y 'GLUTAMIC ACID' ? 'C5 H9 N O4'     147.129 
GLY 'peptide linking'   y GLYCINE         ? 'C2 H5 N O2'     75.067  
HIS 'L-peptide linking' y HISTIDINE       ? 'C6 H10 N3 O2 1' 156.162 
HOH non-polymer         . WATER           ? 'H2 O'           18.015  
ILE 'L-peptide linking' y ISOLEUCINE      ? 'C6 H13 N O2'    131.173 
LEU 'L-peptide linking' y LEUCINE         ? 'C6 H13 N O2'    131.173 
LYS 'L-peptide linking' y LYSINE          ? 'C6 H15 N2 O2 1' 147.195 
MET 'L-peptide linking' y METHIONINE      ? 'C5 H11 N O2 S'  149.211 
PHE 'L-peptide linking' y PHENYLALANINE   ? 'C9 H11 N O2'    165.189 
PRO 'L-peptide linking' y PROLINE         ? 'C5 H9 N O2'     115.130 
SER 'L-peptide linking' y SERINE          ? 'C3 H7 N O3'     105.093 
THR 'L-peptide linking' y THREONINE       ? 'C4 H9 N O3'     119.119 
TRP 'L-peptide linking' y TRYPTOPHAN      ? 'C11 H12 N2 O2'  204.225 
TYR 'L-peptide linking' y TYROSINE        ? 'C9 H11 N O3'    181.189 
VAL 'L-peptide linking' y VALINE          ? 'C5 H11 N O2'    117.146 
# 
loop_
_pdbx_poly_seq_scheme.asym_id 
_pdbx_poly_seq_scheme.entity_id 
_pdbx_poly_seq_scheme.seq_id 
_pdbx_poly_seq_scheme.mon_id 
_pdbx_poly_seq_scheme.ndb_seq_num 
_pdbx_poly_seq_scheme.pdb_seq_num 
_pdbx_poly_seq_scheme.auth_seq_num 
_pdbx_poly_seq_scheme.pdb_mon_id 
_pdbx_poly_seq_scheme.auth_mon_id 
_pdbx_poly_seq_scheme.pdb_strand_id 
_pdbx_poly_seq_scheme.pdb_ins_code 
_pdbx_poly_seq_scheme.hetero 
A 1 1  MET 1  1  ?  ?   ?   A . n 
A 1 2  GLY 2  2  ?  ?   ?   A . n 
A 1 3  LYS 3  3  ?  ?   ?   A . n 
A 1 4  LEU 4  4  4  LEU LEU A . n 
A 1 5  PRO 5  5  5  PRO PRO A . n 
A 1 6  GLU 6  6  6  GLU GLU A . n 
A 1 7  SER 7  7  7  SER SER A . n 
A 1 8  PRO 8  8  8  PRO PRO A . n 
A 1 9  LYS 9  9  9  LYS LYS A . n 
A 1 10 ARG 10 10 10 ARG ARG A . n 
A 1 11 ALA 11 11 11 ALA ALA A . n 
A 1 12 GLU 12 12 12 GLU GLU A . n 
A 1 13 GLU 13 13 13 GLU GLU A . n 
A 1 14 ILE 14 14 14 ILE ILE A . n 
A 1 15 TRP 15 15 15 TRP TRP A . n 
A 1 16 GLN 16 16 16 GLN GLN A . n 
A 1 17 GLN 17 17 17 GLN GLN A . n 
A 1 18 SER 18 18 18 SER SER A . n 
A 1 19 VAL 19 19 19 VAL VAL A . n 
A 1 20 ILE 20 20 20 ILE ILE A . n 
A 1 21 GLY 21 21 21 GLY GLY A . n 
A 1 22 ASP 22 22 22 ASP ASP A . n 
A 1 23 TYR 23 23 23 TYR TYR A . n 
A 1 24 LEU 24 24 24 LEU LEU A . n 
A 1 25 ALA 25 25 25 ALA ALA A . n 
A 1 26 ARG 26 26 26 ARG ARG A . n 
A 1 27 PHE 27 27 27 PHE PHE A . n 
A 1 28 LYS 28 28 28 LYS LYS A . n 
A 1 29 ASN 29 29 29 ASN ASN A . n 
A 1 30 ASP 30 30 30 ASP ASP A . n 
A 1 31 ARG 31 31 31 ARG ARG A . n 
A 1 32 VAL 32 32 32 VAL VAL A . n 
A 1 33 LYS 33 33 33 LYS LYS A . n 
A 1 34 ALA 34 34 34 ALA ALA A . n 
A 1 35 LEU 35 35 35 LEU LEU A . n 
A 1 36 LYS 36 36 36 LYS LYS A . n 
A 1 37 ALA 37 37 37 ALA ALA A . n 
A 1 38 MET 38 38 38 MET MET A . n 
A 1 39 GLU 39 39 39 GLU GLU A . n 
A 1 40 MET 40 40 40 MET MET A . n 
A 1 41 THR 41 41 41 THR THR A . n 
A 1 42 TRP 42 42 42 TRP TRP A . n 
A 1 43 ASN 43 43 43 ASN ASN A . n 
A 1 44 ASN 44 44 44 ASN ASN A . n 
A 1 45 MET 45 45 45 MET MET A . n 
A 1 46 GLU 46 46 46 GLU GLU A . n 
A 1 47 LYS 47 47 47 LYS LYS A . n 
A 1 48 LYS 48 48 48 LYS LYS A . n 
A 1 49 GLU 49 49 49 GLU GLU A . n 
A 1 50 LYS 50 50 50 LYS LYS A . n 
A 1 51 LEU 51 51 51 LEU LEU A . n 
A 1 52 MET 52 52 52 MET MET A . n 
A 1 53 TRP 53 53 53 TRP TRP A . n 
A 1 54 ILE 54 54 54 ILE ILE A . n 
A 1 55 LYS 55 55 55 LYS LYS A . n 
A 1 56 LYS 56 56 56 LYS LYS A . n 
A 1 57 ALA 57 57 57 ALA ALA A . n 
A 1 58 ALA 58 58 58 ALA ALA A . n 
A 1 59 GLU 59 59 59 GLU GLU A . n 
A 1 60 ASP 60 60 60 ASP ASP A . n 
A 1 61 GLN 61 61 61 GLN GLN A . n 
A 1 62 LYS 62 62 62 LYS LYS A . n 
A 1 63 ARG 63 63 63 ARG ARG A . n 
A 1 64 TYR 64 64 64 TYR TYR A . n 
A 1 65 GLU 65 65 65 GLU GLU A . n 
A 1 66 ARG 66 66 66 ARG ARG A . n 
A 1 67 GLU 67 67 67 GLU GLU A . n 
A 1 68 LEU 68 68 68 LEU LEU A . n 
A 1 69 SER 69 69 69 SER SER A . n 
A 1 70 GLU 70 70 ?  ?   ?   A . n 
A 1 71 MET 71 71 ?  ?   ?   A . n 
A 1 72 ARG 72 72 ?  ?   ?   A . n 
A 1 73 ALA 73 73 ?  ?   ?   A . n 
A 1 74 PRO 74 74 ?  ?   ?   A . n 
A 1 75 PRO 75 75 ?  ?   ?   A . n 
A 1 76 ALA 76 76 ?  ?   ?   A . n 
A 1 77 ALA 77 77 ?  ?   ?   A . n 
A 1 78 THR 78 78 ?  ?   ?   A . n 
A 1 79 ASN 79 79 ?  ?   ?   A . n 
A 1 80 SER 80 80 ?  ?   ?   A . n 
A 1 81 SER 81 81 ?  ?   ?   A . n 
A 1 82 LYS 82 82 ?  ?   ?   A . n 
A 1 83 LYS 83 83 ?  ?   ?   A . n 
A 1 84 LEU 84 84 ?  ?   ?   A . n 
A 1 85 GLU 85 85 ?  ?   ?   A . n 
A 1 86 HIS 86 86 ?  ?   ?   A . n 
A 1 87 HIS 87 87 ?  ?   ?   A . n 
A 1 88 HIS 88 88 ?  ?   ?   A . n 
A 1 89 HIS 89 89 ?  ?   ?   A . n 
A 1 90 HIS 90 90 ?  ?   ?   A . n 
A 1 91 HIS 91 91 ?  ?   ?   A . n 
# 
loop_
_pdbx_nonpoly_scheme.asym_id 
_pdbx_nonpoly_scheme.entity_id 
_pdbx_nonpoly_scheme.mon_id 
_pdbx_nonpoly_scheme.ndb_seq_num 
_pdbx_nonpoly_scheme.pdb_seq_num 
_pdbx_nonpoly_scheme.auth_seq_num 
_pdbx_nonpoly_scheme.pdb_mon_id 
_pdbx_nonpoly_scheme.auth_mon_id 
_pdbx_nonpoly_scheme.pdb_strand_id 
_pdbx_nonpoly_scheme.pdb_ins_code 
B 2 HOH 1  92  1  HOH HOH A . 
B 2 HOH 2  93  2  HOH HOH A . 
B 2 HOH 3  94  3  HOH HOH A . 
B 2 HOH 4  95  4  HOH HOH A . 
B 2 HOH 5  96  5  HOH HOH A . 
B 2 HOH 6  97  6  HOH HOH A . 
B 2 HOH 7  98  7  HOH HOH A . 
B 2 HOH 8  99  8  HOH HOH A . 
B 2 HOH 9  100 9  HOH HOH A . 
B 2 HOH 10 101 10 HOH HOH A . 
B 2 HOH 11 102 11 HOH HOH A . 
B 2 HOH 12 103 12 HOH HOH A . 
B 2 HOH 13 104 13 HOH HOH A . 
B 2 HOH 14 105 14 HOH HOH A . 
B 2 HOH 15 106 15 HOH HOH A . 
B 2 HOH 16 107 16 HOH HOH A . 
B 2 HOH 17 108 17 HOH HOH A . 
B 2 HOH 18 109 18 HOH HOH A . 
B 2 HOH 19 110 19 HOH HOH A . 
B 2 HOH 20 111 20 HOH HOH A . 
B 2 HOH 21 112 21 HOH HOH A . 
B 2 HOH 22 113 22 HOH HOH A . 
B 2 HOH 23 114 23 HOH HOH A . 
B 2 HOH 24 115 24 HOH HOH A . 
B 2 HOH 25 116 25 HOH HOH A . 
B 2 HOH 26 117 26 HOH HOH A . 
B 2 HOH 27 118 27 HOH HOH A . 
B 2 HOH 28 119 28 HOH HOH A . 
B 2 HOH 29 120 29 HOH HOH A . 
B 2 HOH 30 121 30 HOH HOH A . 
B 2 HOH 31 122 31 HOH HOH A . 
B 2 HOH 32 123 32 HOH HOH A . 
B 2 HOH 33 124 33 HOH HOH A . 
B 2 HOH 34 125 34 HOH HOH A . 
B 2 HOH 35 126 35 HOH HOH A . 
B 2 HOH 36 127 36 HOH HOH A . 
B 2 HOH 37 128 37 HOH HOH A . 
B 2 HOH 38 129 38 HOH HOH A . 
B 2 HOH 39 130 39 HOH HOH A . 
B 2 HOH 40 131 40 HOH HOH A . 
B 2 HOH 41 132 41 HOH HOH A . 
B 2 HOH 42 133 42 HOH HOH A . 
B 2 HOH 43 134 43 HOH HOH A . 
B 2 HOH 44 135 44 HOH HOH A . 
B 2 HOH 45 136 45 HOH HOH A . 
B 2 HOH 46 137 46 HOH HOH A . 
B 2 HOH 47 138 47 HOH HOH A . 
B 2 HOH 48 139 48 HOH HOH A . 
B 2 HOH 49 140 49 HOH HOH A . 
B 2 HOH 50 141 50 HOH HOH A . 
B 2 HOH 51 142 51 HOH HOH A . 
B 2 HOH 52 143 52 HOH HOH A . 
B 2 HOH 53 144 53 HOH HOH A . 
B 2 HOH 54 145 54 HOH HOH A . 
B 2 HOH 55 146 55 HOH HOH A . 
B 2 HOH 56 147 56 HOH HOH A . 
B 2 HOH 57 148 57 HOH HOH A . 
B 2 HOH 58 149 58 HOH HOH A . 
B 2 HOH 59 150 59 HOH HOH A . 
B 2 HOH 60 151 60 HOH HOH A . 
B 2 HOH 61 152 61 HOH HOH A . 
B 2 HOH 62 153 62 HOH HOH A . 
B 2 HOH 63 154 63 HOH HOH A . 
B 2 HOH 64 155 64 HOH HOH A . 
B 2 HOH 65 156 65 HOH HOH A . 
B 2 HOH 66 157 66 HOH HOH A . 
B 2 HOH 67 158 67 HOH HOH A . 
B 2 HOH 68 159 68 HOH HOH A . 
B 2 HOH 69 160 69 HOH HOH A . 
B 2 HOH 70 161 70 HOH HOH A . 
B 2 HOH 71 162 71 HOH HOH A . 
B 2 HOH 72 163 72 HOH HOH A . 
B 2 HOH 73 164 73 HOH HOH A . 
B 2 HOH 74 165 74 HOH HOH A . 
B 2 HOH 75 166 75 HOH HOH A . 
B 2 HOH 76 167 76 HOH HOH A . 
B 2 HOH 77 168 77 HOH HOH A . 
B 2 HOH 78 169 78 HOH HOH A . 
B 2 HOH 79 170 79 HOH HOH A . 
B 2 HOH 80 171 80 HOH HOH A . 
B 2 HOH 81 172 81 HOH HOH A . 
B 2 HOH 82 173 82 HOH HOH A . 
B 2 HOH 83 174 83 HOH HOH A . 
B 2 HOH 84 175 84 HOH HOH A . 
B 2 HOH 85 176 85 HOH HOH A . 
B 2 HOH 86 177 86 HOH HOH A . 
B 2 HOH 87 178 87 HOH HOH A . 
B 2 HOH 88 179 88 HOH HOH A . 
B 2 HOH 89 180 89 HOH HOH A . 
B 2 HOH 90 181 90 HOH HOH A . 
B 2 HOH 91 182 91 HOH HOH A . 
# 
loop_
_software.name 
_software.version 
_software.date 
_software.type 
_software.contact_author 
_software.contact_author_email 
_software.classification 
_software.location 
_software.language 
_software.citation_id 
_software.pdbx_ordinal 
DENZO       .     ?                package 'Zbyszek Otwinowski' zbyszek@mix.swmed.edu    'data reduction'  
http://www.lnls.br/infra/linhasluz/denzo-hkl.htm ?          ? 1 
SCALEPACK   .     ?                package 'Zbyszek Otwinowski' zbyszek@mix.swmed.edu    'data scaling'    
http://www.lnls.br/infra/linhasluz/denzo-hkl.htm ?          ? 2 
SOLVE       2.09  25-Apr-2005      package 'Tom Terwilliger'    terwilliger@LANL.gov     phasing           
http://www.solve.lanl.gov/                       ?          ? 3 
RESOLVE     2.09  25-Apr-2005      package 'Terwilliger, T. C'  terwilliger@LANL.gov     phasing           
http://www.solve.lanl.gov/                       ?          ? 4 
REFMAC      .     ?                program 'Murshudov, G.N.'    ccp4@dl.ac.uk            refinement        
http://www.ccp4.ac.uk/main.html                  Fortran_77 ? 5 
PDB_EXTRACT 2.000 'April. 3, 2006' package PDB                  sw-help@rcsb.rutgers.edu 'data extraction' 
http://pdb.rutgers.edu/software/                 C++        ? 6 
ADSC        .     ?                ?       ?                    ?                        'data collection' ? ?          ? 7 
# 
_cell.length_a           60.812 
_cell.length_b           60.812 
_cell.length_c           63.158 
_cell.angle_alpha        90.000 
_cell.angle_beta         90.000 
_cell.angle_gamma        120.000 
_cell.entry_id           2HDZ 
_cell.pdbx_unique_axis   ? 
_cell.Z_PDB              6 
_cell.length_a_esd       ? 
_cell.length_b_esd       ? 
_cell.length_c_esd       ? 
_cell.angle_alpha_esd    ? 
_cell.angle_beta_esd     ? 
_cell.angle_gamma_esd    ? 
# 
_symmetry.space_group_name_H-M             'P 65' 
_symmetry.entry_id                         2HDZ 
_symmetry.Int_Tables_number                170 
_symmetry.pdbx_full_space_group_name_H-M   ? 
_symmetry.cell_setting                     ? 
_symmetry.space_group_name_Hall            ? 
# 
_exptl.crystals_number   2 
_exptl.entry_id          2HDZ 
_exptl.method            'X-RAY DIFFRACTION' 
# 
loop_
_exptl_crystal.id 
_exptl_crystal.density_meas 
_exptl_crystal.density_Matthews 
_exptl_crystal.density_percent_sol 
_exptl_crystal.description 
_exptl_crystal.F_000 
_exptl_crystal.preparation 
1 ? 3.09 60.25 ? ? ? 
2 ? ?    ?     ? ? ? 
# 
loop_
_exptl_crystal_grow.crystal_id 
_exptl_crystal_grow.method 
_exptl_crystal_grow.pH 
_exptl_crystal_grow.temp 
_exptl_crystal_grow.pdbx_details 
_exptl_crystal_grow.temp_details 
_exptl_crystal_grow.pdbx_pH_range 
1 'VAPOR DIFFUSION, HANGING DROP' 7.5 277 'NaCl, pH 7.5, vapor diffusion, hanging drop, temperature 277K'            ? . 
2 'VAPOR DIFFUSION, HANGING DROP' 7.5 277 'Se-Met derivate, pH 7.5, vapor diffusion, hanging drop, temperature 277K' ? . 
# 
loop_
_diffrn.id 
_diffrn.ambient_temp 
_diffrn.ambient_temp_details 
_diffrn.crystal_id 
1   100.0 ? 1 
2   100.0 ? 1 
1,2 ?     ? 1 
# 
loop_
_diffrn_detector.diffrn_id 
_diffrn_detector.detector 
_diffrn_detector.type 
_diffrn_detector.pdbx_collection_date 
_diffrn_detector.details 
1 CCD 'ADSC QUANTUM 210' 2004-08-24 ? 
2 CCD 'MAR CCD 165 mm'   2005-05-03 ? 
# 
loop_
_diffrn_radiation.diffrn_id 
_diffrn_radiation.pdbx_diffrn_protocol 
_diffrn_radiation.monochromator 
_diffrn_radiation.wavelength_id 
_diffrn_radiation.pdbx_monochromatic_or_laue_m_l 
_diffrn_radiation.pdbx_scattering_type 
1 'SINGLE WAVELENGTH' 'Bent triangular asymmetric cut Si(111) monochromater' 1 M x-ray 
2 'SINGLE WAVELENGTH' ?                                                      1 M x-ray 
# 
loop_
_diffrn_radiation_wavelength.id 
_diffrn_radiation_wavelength.wavelength 
_diffrn_radiation_wavelength.wt 
1 0.9363  1.0 
2 0.97985 1.0 
# 
loop_
_diffrn_source.diffrn_id 
_diffrn_source.source 
_diffrn_source.type 
_diffrn_source.pdbx_wavelength_list 
_diffrn_source.pdbx_wavelength 
_diffrn_source.pdbx_synchrotron_site 
_diffrn_source.pdbx_synchrotron_beamline 
1 SYNCHROTRON 'CHESS BEAMLINE A1'  0.9363  ? CHESS A1   
2 SYNCHROTRON 'BSRF BEAMLINE 3W1A' 0.97985 ? BSRF  3W1A 
# 
_reflns.entry_id                     2HDZ 
_reflns.d_resolution_high            2.000 
_reflns.d_resolution_low             30.000 
_reflns.number_obs                   8917 
_reflns.pdbx_Rmerge_I_obs            0.046 
_reflns.pdbx_netI_over_sigmaI        35.600 
_reflns.pdbx_chi_squared             3.012 
_reflns.pdbx_redundancy              11.100 
_reflns.percent_possible_obs         99.300 
_reflns.observed_criterion_sigma_F   2.0 
_reflns.observed_criterion_sigma_I   2.0 
_reflns.number_all                   9000 
_reflns.pdbx_Rsym_value              0.049 
_reflns.B_iso_Wilson_estimate        ? 
_reflns.R_free_details               ? 
_reflns.limit_h_max                  ? 
_reflns.limit_h_min                  ? 
_reflns.limit_k_max                  ? 
_reflns.limit_k_min                  ? 
_reflns.limit_l_max                  ? 
_reflns.limit_l_min                  ? 
_reflns.observed_criterion_F_max     ? 
_reflns.observed_criterion_F_min     ? 
_reflns.pdbx_scaling_rejects         ? 
_reflns.pdbx_ordinal                 1 
_reflns.pdbx_diffrn_id               1,2 
# 
_reflns_shell.d_res_high             2.00 
_reflns_shell.d_res_low              2.03 
_reflns_shell.number_measured_obs    ? 
_reflns_shell.number_measured_all    ? 
_reflns_shell.number_unique_obs      ? 
_reflns_shell.Rmerge_I_obs           0.185 
_reflns_shell.meanI_over_sigI_obs    ? 
_reflns_shell.pdbx_Rsym_value        ? 
_reflns_shell.pdbx_chi_squared       2.468 
_reflns_shell.pdbx_redundancy        10.00 
_reflns_shell.percent_possible_obs   ? 
_reflns_shell.number_unique_all      431 
_reflns_shell.percent_possible_all   93.30 
_reflns_shell.pdbx_ordinal           1 
_reflns_shell.pdbx_diffrn_id         1,2 
# 
_refine.entry_id                                 2HDZ 
_refine.ls_d_res_high                            2.000 
_refine.ls_d_res_low                             10.000 
_refine.pdbx_ls_sigma_F                          0.00 
_refine.ls_percent_reflns_obs                    99.490 
_refine.ls_number_reflns_obs                     8492 
_refine.pdbx_ls_cross_valid_method               THROUGHOUT 
_refine.pdbx_R_Free_selection_details            RANDOM 
_refine.details                                  'HYDROGENS HAVE BEEN ADDED IN THE RIDING POSITIONS' 
_refine.ls_R_factor_all                          0.22 
_refine.ls_R_factor_R_work                       0.217 
_refine.ls_R_factor_R_free                       0.267 
_refine.ls_percent_reflns_R_free                 4.800 
_refine.ls_number_reflns_R_free                  425 
_refine.B_iso_mean                               28.535 
_refine.aniso_B[1][1]                            2.210 
_refine.aniso_B[2][2]                            2.210 
_refine.aniso_B[3][3]                            -3.320 
_refine.aniso_B[1][2]                            1.110 
_refine.aniso_B[1][3]                            0.000 
_refine.aniso_B[2][3]                            0.000 
_refine.correlation_coeff_Fo_to_Fc               0.936 
_refine.correlation_coeff_Fo_to_Fc_free          0.908 
_refine.pdbx_overall_ESU_R                       0.147 
_refine.pdbx_overall_ESU_R_Free                  0.151 
_refine.overall_SU_ML                            0.100 
_refine.overall_SU_B                             7.751 
_refine.solvent_model_details                    MASK 
_refine.pdbx_solvent_vdw_probe_radii             1.200 
_refine.pdbx_solvent_ion_probe_radii             0.800 
_refine.pdbx_solvent_shrinkage_radii             0.800 
_refine.pdbx_method_to_determine_struct          SAD 
_refine.pdbx_stereochemistry_target_values       'MAXIMUM LIKELIHOOD' 
_refine.pdbx_ls_sigma_I                          ? 
_refine.ls_number_reflns_all                     8492 
_refine.ls_R_factor_obs                          0.21953 
_refine.ls_redundancy_reflns_obs                 ? 
_refine.pdbx_data_cutoff_high_absF               ? 
_refine.pdbx_data_cutoff_low_absF                ? 
_refine.ls_number_parameters                     ? 
_refine.ls_number_restraints                     ? 
_refine.ls_R_factor_R_free_error                 ? 
_refine.ls_R_factor_R_free_error_details         ? 
_refine.pdbx_starting_model                      ? 
_refine.pdbx_stereochem_target_val_spec_case     ? 
_refine.solvent_model_param_bsol                 ? 
_refine.solvent_model_param_ksol                 ? 
_refine.occupancy_max                            ? 
_refine.occupancy_min                            ? 
_refine.pdbx_isotropic_thermal_model             ? 
_refine.B_iso_min                                ? 
_refine.B_iso_max                                ? 
_refine.overall_SU_R_Cruickshank_DPI             ? 
_refine.overall_SU_R_free                        ? 
_refine.pdbx_data_cutoff_high_rms_absF           ? 
_refine.ls_wR_factor_R_free                      ? 
_refine.ls_wR_factor_R_work                      ? 
_refine.overall_FOM_free_R_set                   ? 
_refine.overall_FOM_work_R_set                   ? 
_refine.pdbx_refine_id                           'X-RAY DIFFRACTION' 
_refine.pdbx_overall_phase_error                 ? 
_refine.pdbx_TLS_residual_ADP_flag               'LIKELY RESIDUAL' 
_refine.pdbx_diffrn_id                           1 
_refine.pdbx_overall_SU_R_free_Cruickshank_DPI   ? 
_refine.pdbx_overall_SU_R_Blow_DPI               ? 
_refine.pdbx_overall_SU_R_free_Blow_DPI          ? 
# 
_refine_hist.pdbx_refine_id                   'X-RAY DIFFRACTION' 
_refine_hist.cycle_id                         LAST 
_refine_hist.pdbx_number_atoms_protein        561 
_refine_hist.pdbx_number_atoms_nucleic_acid   0 
_refine_hist.pdbx_number_atoms_ligand         0 
_refine_hist.number_atoms_solvent             91 
_refine_hist.number_atoms_total               652 
_refine_hist.d_res_high                       2.000 
_refine_hist.d_res_low                        10.000 
# 
loop_
_refine_ls_restr.type 
_refine_ls_restr.number 
_refine_ls_restr.dev_ideal 
_refine_ls_restr.dev_ideal_target 
_refine_ls_restr.weight 
_refine_ls_restr.pdbx_refine_id 
_refine_ls_restr.pdbx_restraint_function 
r_bond_refined_d         571 0.013  0.022  ? 'X-RAY DIFFRACTION' ? 
r_angle_refined_deg      761 1.446  1.961  ? 'X-RAY DIFFRACTION' ? 
r_dihedral_angle_1_deg   65  4.993  5.000  ? 'X-RAY DIFFRACTION' ? 
r_dihedral_angle_2_deg   29  37.991 24.483 ? 'X-RAY DIFFRACTION' ? 
r_dihedral_angle_3_deg   125 11.677 15.000 ? 'X-RAY DIFFRACTION' ? 
r_dihedral_angle_4_deg   5   16.373 15.000 ? 'X-RAY DIFFRACTION' ? 
r_chiral_restr           76  0.102  0.200  ? 'X-RAY DIFFRACTION' ? 
r_gen_planes_refined     418 0.005  0.020  ? 'X-RAY DIFFRACTION' ? 
r_nbd_refined            260 0.200  0.200  ? 'X-RAY DIFFRACTION' ? 
r_nbtor_refined          394 0.294  0.200  ? 'X-RAY DIFFRACTION' ? 
r_xyhbond_nbd_refined    47  0.219  0.200  ? 'X-RAY DIFFRACTION' ? 
r_symmetry_vdw_refined   17  0.130  0.200  ? 'X-RAY DIFFRACTION' ? 
r_symmetry_hbond_refined 5   0.270  0.200  ? 'X-RAY DIFFRACTION' ? 
r_mcbond_it              347 1.114  1.500  ? 'X-RAY DIFFRACTION' ? 
r_mcangle_it             528 1.504  2.000  ? 'X-RAY DIFFRACTION' ? 
r_scbond_it              271 3.009  3.000  ? 'X-RAY DIFFRACTION' ? 
r_scangle_it             233 4.539  4.500  ? 'X-RAY DIFFRACTION' ? 
# 
_refine_ls_shell.d_res_high                       2.000 
_refine_ls_shell.d_res_low                        2.050 
_refine_ls_shell.pdbx_total_number_of_bins_used   20 
_refine_ls_shell.percent_reflns_obs               95.600 
_refine_ls_shell.number_reflns_R_work             579 
_refine_ls_shell.R_factor_all                     ? 
_refine_ls_shell.R_factor_R_work                  0.205 
_refine_ls_shell.R_factor_R_free                  0.283 
_refine_ls_shell.percent_reflns_R_free            ? 
_refine_ls_shell.number_reflns_R_free             30 
_refine_ls_shell.R_factor_R_free_error            ? 
_refine_ls_shell.number_reflns_all                ? 
_refine_ls_shell.number_reflns_obs                609 
_refine_ls_shell.redundancy_reflns_obs            ? 
_refine_ls_shell.pdbx_refine_id                   'X-RAY DIFFRACTION' 
# 
_struct.entry_id                  2HDZ 
_struct.title                     'Crystal Structure Analysis of the UBF HMG box5' 
_struct.pdbx_model_details        ? 
_struct.pdbx_CASP_flag            ? 
_struct.pdbx_model_type_details   ? 
# 
_struct_keywords.entry_id        2HDZ 
_struct_keywords.text            'HMG domain, PROTEIN BINDING' 
_struct_keywords.pdbx_keywords   'PROTEIN BINDING' 
# 
loop_
_struct_asym.id 
_struct_asym.pdbx_blank_PDB_chainid_flag 
_struct_asym.pdbx_modified 
_struct_asym.entity_id 
_struct_asym.details 
A N N 1 ? 
B N N 2 ? 
# 
_struct_ref.id                         1 
_struct_ref.db_name                    UNP 
_struct_ref.db_code                    UBF1_HUMAN 
_struct_ref.pdbx_db_accession          P17480 
_struct_ref.entity_id                  1 
_struct_ref.pdbx_seq_one_letter_code   
;GKLPESPKRAEEIWQQSVIGDYLARFKNDRVKALKAMEMTWNNMEKKEKLMWIKKAAEDQKRYERELSEMRAPPAATNSS
KK
;
_struct_ref.pdbx_align_begin           479 
_struct_ref.pdbx_db_isoform            ? 
# 
_struct_ref_seq.align_id                      1 
_struct_ref_seq.ref_id                        1 
_struct_ref_seq.pdbx_PDB_id_code              2HDZ 
_struct_ref_seq.pdbx_strand_id                A 
_struct_ref_seq.seq_align_beg                 2 
_struct_ref_seq.pdbx_seq_align_beg_ins_code   ? 
_struct_ref_seq.seq_align_end                 83 
_struct_ref_seq.pdbx_seq_align_end_ins_code   ? 
_struct_ref_seq.pdbx_db_accession             P17480 
_struct_ref_seq.db_align_beg                  479 
_struct_ref_seq.pdbx_db_align_beg_ins_code    ? 
_struct_ref_seq.db_align_end                  560 
_struct_ref_seq.pdbx_db_align_end_ins_code    ? 
_struct_ref_seq.pdbx_auth_seq_align_beg       2 
_struct_ref_seq.pdbx_auth_seq_align_end       83 
# 
loop_
_struct_ref_seq_dif.align_id 
_struct_ref_seq_dif.pdbx_pdb_id_code 
_struct_ref_seq_dif.mon_id 
_struct_ref_seq_dif.pdbx_pdb_strand_id 
_struct_ref_seq_dif.seq_num 
_struct_ref_seq_dif.pdbx_pdb_ins_code 
_struct_ref_seq_dif.pdbx_seq_db_name 
_struct_ref_seq_dif.pdbx_seq_db_accession_code 
_struct_ref_seq_dif.db_mon_id 
_struct_ref_seq_dif.pdbx_seq_db_seq_num 
_struct_ref_seq_dif.details 
_struct_ref_seq_dif.pdbx_auth_seq_num 
_struct_ref_seq_dif.pdbx_ordinal 
1 2HDZ MET A 1  ? UNP P17480 ? ? 'initiating methionine' 1  1 
1 2HDZ LEU A 84 ? UNP P17480 ? ? 'expression tag'        84 2 
1 2HDZ GLU A 85 ? UNP P17480 ? ? 'expression tag'        85 3 
1 2HDZ HIS A 86 ? UNP P17480 ? ? 'expression tag'        86 4 
1 2HDZ HIS A 87 ? UNP P17480 ? ? 'expression tag'        87 5 
1 2HDZ HIS A 88 ? UNP P17480 ? ? 'expression tag'        88 6 
1 2HDZ HIS A 89 ? UNP P17480 ? ? 'expression tag'        89 7 
1 2HDZ HIS A 90 ? UNP P17480 ? ? 'expression tag'        90 8 
1 2HDZ HIS A 91 ? UNP P17480 ? ? 'expression tag'        91 9 
# 
_pdbx_struct_assembly.id                   1 
_pdbx_struct_assembly.details              author_defined_assembly 
_pdbx_struct_assembly.method_details       ? 
_pdbx_struct_assembly.oligomeric_details   monomeric 
_pdbx_struct_assembly.oligomeric_count     1 
# 
_pdbx_struct_assembly_gen.assembly_id       1 
_pdbx_struct_assembly_gen.oper_expression   1 
_pdbx_struct_assembly_gen.asym_id_list      A,B 
# 
_pdbx_struct_oper_list.id                   1 
_pdbx_struct_oper_list.type                 'identity operation' 
_pdbx_struct_oper_list.name                 1_555 
_pdbx_struct_oper_list.symmetry_operation   x,y,z 
_pdbx_struct_oper_list.matrix[1][1]         1.0000000000 
_pdbx_struct_oper_list.matrix[1][2]         0.0000000000 
_pdbx_struct_oper_list.matrix[1][3]         0.0000000000 
_pdbx_struct_oper_list.vector[1]            0.0000000000 
_pdbx_struct_oper_list.matrix[2][1]         0.0000000000 
_pdbx_struct_oper_list.matrix[2][2]         1.0000000000 
_pdbx_struct_oper_list.matrix[2][3]         0.0000000000 
_pdbx_struct_oper_list.vector[2]            0.0000000000 
_pdbx_struct_oper_list.matrix[3][1]         0.0000000000 
_pdbx_struct_oper_list.matrix[3][2]         0.0000000000 
_pdbx_struct_oper_list.matrix[3][3]         1.0000000000 
_pdbx_struct_oper_list.vector[3]            0.0000000000 
# 
_struct_biol.id        1 
_struct_biol.details   ? 
# 
loop_
_struct_conf.conf_type_id 
_struct_conf.id 
_struct_conf.pdbx_PDB_helix_id 
_struct_conf.beg_label_comp_id 
_struct_conf.beg_label_asym_id 
_struct_conf.beg_label_seq_id 
_struct_conf.pdbx_beg_PDB_ins_code 
_struct_conf.end_label_comp_id 
_struct_conf.end_label_asym_id 
_struct_conf.end_label_seq_id 
_struct_conf.pdbx_end_PDB_ins_code 
_struct_conf.beg_auth_comp_id 
_struct_conf.beg_auth_asym_id 
_struct_conf.beg_auth_seq_id 
_struct_conf.end_auth_comp_id 
_struct_conf.end_auth_asym_id 
_struct_conf.end_auth_seq_id 
_struct_conf.pdbx_PDB_helix_class 
_struct_conf.details 
_struct_conf.pdbx_PDB_helix_length 
HELX_P HELX_P1 1 ARG A 10 ? PHE A 27 ? ARG A 10 PHE A 27 1 ? 18 
HELX_P HELX_P2 2 ASP A 30 ? MET A 45 ? ASP A 30 MET A 45 1 ? 16 
HELX_P HELX_P3 3 GLU A 46 ? SER A 69 ? GLU A 46 SER A 69 1 ? 24 
# 
_struct_conf_type.id          HELX_P 
_struct_conf_type.criteria    ? 
_struct_conf_type.reference   ? 
# 
_pdbx_validate_close_contact.id               1 
_pdbx_validate_close_contact.PDB_model_num    1 
_pdbx_validate_close_contact.auth_atom_id_1   N 
_pdbx_validate_close_contact.auth_asym_id_1   A 
_pdbx_validate_close_contact.auth_comp_id_1   LEU 
_pdbx_validate_close_contact.auth_seq_id_1    4 
_pdbx_validate_close_contact.PDB_ins_code_1   ? 
_pdbx_validate_close_contact.label_alt_id_1   ? 
_pdbx_validate_close_contact.auth_atom_id_2   O 
_pdbx_validate_close_contact.auth_asym_id_2   A 
_pdbx_validate_close_contact.auth_comp_id_2   HOH 
_pdbx_validate_close_contact.auth_seq_id_2    180 
_pdbx_validate_close_contact.PDB_ins_code_2   ? 
_pdbx_validate_close_contact.label_alt_id_2   ? 
_pdbx_validate_close_contact.dist             2.06 
# 
_pdbx_refine_tls.id               1 
_pdbx_refine_tls.details          ? 
_pdbx_refine_tls.method           refined 
_pdbx_refine_tls.origin_x         -0.1139 
_pdbx_refine_tls.origin_y         -0.1494 
_pdbx_refine_tls.origin_z         -0.1402 
_pdbx_refine_tls.T[1][1]          0.0290 
_pdbx_refine_tls.T[2][2]          0.0036 
_pdbx_refine_tls.T[3][3]          0.0172 
_pdbx_refine_tls.T[1][2]          0.0087 
_pdbx_refine_tls.T[1][3]          -0.0077 
_pdbx_refine_tls.T[2][3]          0.0158 
_pdbx_refine_tls.L[1][1]          0.1061 
_pdbx_refine_tls.L[2][2]          1.1969 
_pdbx_refine_tls.L[3][3]          2.1964 
_pdbx_refine_tls.L[1][2]          0.1476 
_pdbx_refine_tls.L[1][3]          -0.3760 
_pdbx_refine_tls.L[2][3]          0.4021 
_pdbx_refine_tls.S[1][1]          -0.0215 
_pdbx_refine_tls.S[2][2]          -0.1246 
_pdbx_refine_tls.S[3][3]          0.1462 
_pdbx_refine_tls.S[1][2]          0.0197 
_pdbx_refine_tls.S[1][3]          -0.1165 
_pdbx_refine_tls.S[2][3]          0.0081 
_pdbx_refine_tls.S[2][1]          -0.0720 
_pdbx_refine_tls.S[3][1]          -0.1546 
_pdbx_refine_tls.S[3][2]          -0.0682 
_pdbx_refine_tls.pdbx_refine_id   'X-RAY DIFFRACTION' 
# 
_pdbx_refine_tls_group.id                  1 
_pdbx_refine_tls_group.refine_tls_id       1 
_pdbx_refine_tls_group.beg_label_asym_id   A 
_pdbx_refine_tls_group.beg_label_seq_id    4 
_pdbx_refine_tls_group.end_label_asym_id   A 
_pdbx_refine_tls_group.end_label_seq_id    69 
_pdbx_refine_tls_group.selection           ? 
_pdbx_refine_tls_group.beg_auth_asym_id    A 
_pdbx_refine_tls_group.beg_auth_seq_id     4 
_pdbx_refine_tls_group.end_auth_asym_id    A 
_pdbx_refine_tls_group.end_auth_seq_id     69 
_pdbx_refine_tls_group.pdbx_refine_id      'X-RAY DIFFRACTION' 
_pdbx_refine_tls_group.selection_details   ? 
# 
loop_
_pdbx_phasing_MAD_set_site.id 
_pdbx_phasing_MAD_set_site.atom_type_symbol 
_pdbx_phasing_MAD_set_site.occupancy 
_pdbx_phasing_MAD_set_site.fract_x 
_pdbx_phasing_MAD_set_site.fract_y 
_pdbx_phasing_MAD_set_site.fract_z 
_pdbx_phasing_MAD_set_site.b_iso 
1 Se 1.867 0.647 0.615 0.167 60.000 
2 Se 1.184 0.617 0.436 0.069 30.659 
3 Se 1.283 0.191 0.665 0.058 56.215 
4 Se 1.210 0.728 0.384 0.021 49.167 
5 Se 1.338 0.993 0.546 0.015 46.083 
# 
loop_
_pdbx_phasing_MAD_shell.d_res_low 
_pdbx_phasing_MAD_shell.d_res_high 
_pdbx_phasing_MAD_shell.reflns 
_pdbx_phasing_MAD_shell.fom 
30.00 10.49 133 0.540 
10.49 6.73  217 0.620 
6.73  5.29  277 0.560 
5.29  4.50  324 0.510 
4.50  3.98  345 0.390 
3.98  3.61  382 0.330 
3.61  3.32  405 0.370 
3.32  3.10  439 0.350 
# 
_pdbx_phasing_dm.entry_id          2HDZ 
_pdbx_phasing_dm.fom_acentric      0.600 
_pdbx_phasing_dm.fom_centric       0.490 
_pdbx_phasing_dm.fom               0.600 
_pdbx_phasing_dm.reflns_acentric   4245 
_pdbx_phasing_dm.reflns_centric    249 
_pdbx_phasing_dm.reflns            4494 
# 
loop_
_pdbx_phasing_dm_shell.d_res_high 
_pdbx_phasing_dm_shell.d_res_low 
_pdbx_phasing_dm_shell.delta_phi_final 
_pdbx_phasing_dm_shell.delta_phi_initial 
_pdbx_phasing_dm_shell.fom_acentric 
_pdbx_phasing_dm_shell.fom_centric 
_pdbx_phasing_dm_shell.fom 
_pdbx_phasing_dm_shell.reflns_acentric 
_pdbx_phasing_dm_shell.reflns_centric 
_pdbx_phasing_dm_shell.reflns 
7.100 27.178 ? ? 0.950 0.870 0.940 169  30 199  
4.500 7.100  ? ? 0.910 0.640 0.890 559  50 609  
3.600 4.500  ? ? 0.880 0.650 0.860 709  40 749  
3.100 3.600  ? ? 0.730 0.580 0.720 715  40 755  
2.700 3.100  ? ? 0.440 0.200 0.430 1293 60 1353 
2.500 2.700  ? ? 0.220 0.050 0.220 800  29 829  
# 
_phasing.method   SAD 
# 
_phasing_MAD.entry_id          2HDZ 
_phasing_MAD.pdbx_d_res_high   3.00 
_phasing_MAD.pdbx_d_res_low    30.00 
_phasing_MAD.pdbx_reflns       2522 
_phasing_MAD.pdbx_fom          0.430 
# 
loop_
_pdbx_unobs_or_zero_occ_residues.id 
_pdbx_unobs_or_zero_occ_residues.PDB_model_num 
_pdbx_unobs_or_zero_occ_residues.polymer_flag 
_pdbx_unobs_or_zero_occ_residues.occupancy_flag 
_pdbx_unobs_or_zero_occ_residues.auth_asym_id 
_pdbx_unobs_or_zero_occ_residues.auth_comp_id 
_pdbx_unobs_or_zero_occ_residues.auth_seq_id 
_pdbx_unobs_or_zero_occ_residues.PDB_ins_code 
_pdbx_unobs_or_zero_occ_residues.label_asym_id 
_pdbx_unobs_or_zero_occ_residues.label_comp_id 
_pdbx_unobs_or_zero_occ_residues.label_seq_id 
1  1 Y 1 A MET 1  ? A MET 1  
2  1 Y 1 A GLY 2  ? A GLY 2  
3  1 Y 1 A LYS 3  ? A LYS 3  
4  1 Y 1 A GLU 70 ? A GLU 70 
5  1 Y 1 A MET 71 ? A MET 71 
6  1 Y 1 A ARG 72 ? A ARG 72 
7  1 Y 1 A ALA 73 ? A ALA 73 
8  1 Y 1 A PRO 74 ? A PRO 74 
9  1 Y 1 A PRO 75 ? A PRO 75 
10 1 Y 1 A ALA 76 ? A ALA 76 
11 1 Y 1 A ALA 77 ? A ALA 77 
12 1 Y 1 A THR 78 ? A THR 78 
13 1 Y 1 A ASN 79 ? A ASN 79 
14 1 Y 1 A SER 80 ? A SER 80 
15 1 Y 1 A SER 81 ? A SER 81 
16 1 Y 1 A LYS 82 ? A LYS 82 
17 1 Y 1 A LYS 83 ? A LYS 83 
18 1 Y 1 A LEU 84 ? A LEU 84 
19 1 Y 1 A GLU 85 ? A GLU 85 
20 1 Y 1 A HIS 86 ? A HIS 86 
21 1 Y 1 A HIS 87 ? A HIS 87 
22 1 Y 1 A HIS 88 ? A HIS 88 
23 1 Y 1 A HIS 89 ? A HIS 89 
24 1 Y 1 A HIS 90 ? A HIS 90 
25 1 Y 1 A HIS 91 ? A HIS 91 
# 
loop_
_chem_comp_atom.comp_id 
_chem_comp_atom.atom_id 
_chem_comp_atom.type_symbol 
_chem_comp_atom.pdbx_aromatic_flag 
_chem_comp_atom.pdbx_stereo_config 
_chem_comp_atom.pdbx_ordinal 
ALA N    N N N 1   
ALA CA   C N S 2   
ALA C    C N N 3   
ALA O    O N N 4   
ALA CB   C N N 5   
ALA OXT  O N N 6   
ALA H    H N N 7   
ALA H2   H N N 8   
ALA HA   H N N 9   
ALA HB1  H N N 10  
ALA HB2  H N N 11  
ALA HB3  H N N 12  
ALA HXT  H N N 13  
ARG N    N N N 14  
ARG CA   C N S 15  
ARG C    C N N 16  
ARG O    O N N 17  
ARG CB   C N N 18  
ARG CG   C N N 19  
ARG CD   C N N 20  
ARG NE   N N N 21  
ARG CZ   C N N 22  
ARG NH1  N N N 23  
ARG NH2  N N N 24  
ARG OXT  O N N 25  
ARG H    H N N 26  
ARG H2   H N N 27  
ARG HA   H N N 28  
ARG HB2  H N N 29  
ARG HB3  H N N 30  
ARG HG2  H N N 31  
ARG HG3  H N N 32  
ARG HD2  H N N 33  
ARG HD3  H N N 34  
ARG HE   H N N 35  
ARG HH11 H N N 36  
ARG HH12 H N N 37  
ARG HH21 H N N 38  
ARG HH22 H N N 39  
ARG HXT  H N N 40  
ASN N    N N N 41  
ASN CA   C N S 42  
ASN C    C N N 43  
ASN O    O N N 44  
ASN CB   C N N 45  
ASN CG   C N N 46  
ASN OD1  O N N 47  
ASN ND2  N N N 48  
ASN OXT  O N N 49  
ASN H    H N N 50  
ASN H2   H N N 51  
ASN HA   H N N 52  
ASN HB2  H N N 53  
ASN HB3  H N N 54  
ASN HD21 H N N 55  
ASN HD22 H N N 56  
ASN HXT  H N N 57  
ASP N    N N N 58  
ASP CA   C N S 59  
ASP C    C N N 60  
ASP O    O N N 61  
ASP CB   C N N 62  
ASP CG   C N N 63  
ASP OD1  O N N 64  
ASP OD2  O N N 65  
ASP OXT  O N N 66  
ASP H    H N N 67  
ASP H2   H N N 68  
ASP HA   H N N 69  
ASP HB2  H N N 70  
ASP HB3  H N N 71  
ASP HD2  H N N 72  
ASP HXT  H N N 73  
GLN N    N N N 74  
GLN CA   C N S 75  
GLN C    C N N 76  
GLN O    O N N 77  
GLN CB   C N N 78  
GLN CG   C N N 79  
GLN CD   C N N 80  
GLN OE1  O N N 81  
GLN NE2  N N N 82  
GLN OXT  O N N 83  
GLN H    H N N 84  
GLN H2   H N N 85  
GLN HA   H N N 86  
GLN HB2  H N N 87  
GLN HB3  H N N 88  
GLN HG2  H N N 89  
GLN HG3  H N N 90  
GLN HE21 H N N 91  
GLN HE22 H N N 92  
GLN HXT  H N N 93  
GLU N    N N N 94  
GLU CA   C N S 95  
GLU C    C N N 96  
GLU O    O N N 97  
GLU CB   C N N 98  
GLU CG   C N N 99  
GLU CD   C N N 100 
GLU OE1  O N N 101 
GLU OE2  O N N 102 
GLU OXT  O N N 103 
GLU H    H N N 104 
GLU H2   H N N 105 
GLU HA   H N N 106 
GLU HB2  H N N 107 
GLU HB3  H N N 108 
GLU HG2  H N N 109 
GLU HG3  H N N 110 
GLU HE2  H N N 111 
GLU HXT  H N N 112 
GLY N    N N N 113 
GLY CA   C N N 114 
GLY C    C N N 115 
GLY O    O N N 116 
GLY OXT  O N N 117 
GLY H    H N N 118 
GLY H2   H N N 119 
GLY HA2  H N N 120 
GLY HA3  H N N 121 
GLY HXT  H N N 122 
HIS N    N N N 123 
HIS CA   C N S 124 
HIS C    C N N 125 
HIS O    O N N 126 
HIS CB   C N N 127 
HIS CG   C Y N 128 
HIS ND1  N Y N 129 
HIS CD2  C Y N 130 
HIS CE1  C Y N 131 
HIS NE2  N Y N 132 
HIS OXT  O N N 133 
HIS H    H N N 134 
HIS H2   H N N 135 
HIS HA   H N N 136 
HIS HB2  H N N 137 
HIS HB3  H N N 138 
HIS HD1  H N N 139 
HIS HD2  H N N 140 
HIS HE1  H N N 141 
HIS HE2  H N N 142 
HIS HXT  H N N 143 
HOH O    O N N 144 
HOH H1   H N N 145 
HOH H2   H N N 146 
ILE N    N N N 147 
ILE CA   C N S 148 
ILE C    C N N 149 
ILE O    O N N 150 
ILE CB   C N S 151 
ILE CG1  C N N 152 
ILE CG2  C N N 153 
ILE CD1  C N N 154 
ILE OXT  O N N 155 
ILE H    H N N 156 
ILE H2   H N N 157 
ILE HA   H N N 158 
ILE HB   H N N 159 
ILE HG12 H N N 160 
ILE HG13 H N N 161 
ILE HG21 H N N 162 
ILE HG22 H N N 163 
ILE HG23 H N N 164 
ILE HD11 H N N 165 
ILE HD12 H N N 166 
ILE HD13 H N N 167 
ILE HXT  H N N 168 
LEU N    N N N 169 
LEU CA   C N S 170 
LEU C    C N N 171 
LEU O    O N N 172 
LEU CB   C N N 173 
LEU CG   C N N 174 
LEU CD1  C N N 175 
LEU CD2  C N N 176 
LEU OXT  O N N 177 
LEU H    H N N 178 
LEU H2   H N N 179 
LEU HA   H N N 180 
LEU HB2  H N N 181 
LEU HB3  H N N 182 
LEU HG   H N N 183 
LEU HD11 H N N 184 
LEU HD12 H N N 185 
LEU HD13 H N N 186 
LEU HD21 H N N 187 
LEU HD22 H N N 188 
LEU HD23 H N N 189 
LEU HXT  H N N 190 
LYS N    N N N 191 
LYS CA   C N S 192 
LYS C    C N N 193 
LYS O    O N N 194 
LYS CB   C N N 195 
LYS CG   C N N 196 
LYS CD   C N N 197 
LYS CE   C N N 198 
LYS NZ   N N N 199 
LYS OXT  O N N 200 
LYS H    H N N 201 
LYS H2   H N N 202 
LYS HA   H N N 203 
LYS HB2  H N N 204 
LYS HB3  H N N 205 
LYS HG2  H N N 206 
LYS HG3  H N N 207 
LYS HD2  H N N 208 
LYS HD3  H N N 209 
LYS HE2  H N N 210 
LYS HE3  H N N 211 
LYS HZ1  H N N 212 
LYS HZ2  H N N 213 
LYS HZ3  H N N 214 
LYS HXT  H N N 215 
MET N    N N N 216 
MET CA   C N S 217 
MET C    C N N 218 
MET O    O N N 219 
MET CB   C N N 220 
MET CG   C N N 221 
MET SD   S N N 222 
MET CE   C N N 223 
MET OXT  O N N 224 
MET H    H N N 225 
MET H2   H N N 226 
MET HA   H N N 227 
MET HB2  H N N 228 
MET HB3  H N N 229 
MET HG2  H N N 230 
MET HG3  H N N 231 
MET HE1  H N N 232 
MET HE2  H N N 233 
MET HE3  H N N 234 
MET HXT  H N N 235 
PHE N    N N N 236 
PHE CA   C N S 237 
PHE C    C N N 238 
PHE O    O N N 239 
PHE CB   C N N 240 
PHE CG   C Y N 241 
PHE CD1  C Y N 242 
PHE CD2  C Y N 243 
PHE CE1  C Y N 244 
PHE CE2  C Y N 245 
PHE CZ   C Y N 246 
PHE OXT  O N N 247 
PHE H    H N N 248 
PHE H2   H N N 249 
PHE HA   H N N 250 
PHE HB2  H N N 251 
PHE HB3  H N N 252 
PHE HD1  H N N 253 
PHE HD2  H N N 254 
PHE HE1  H N N 255 
PHE HE2  H N N 256 
PHE HZ   H N N 257 
PHE HXT  H N N 258 
PRO N    N N N 259 
PRO CA   C N S 260 
PRO C    C N N 261 
PRO O    O N N 262 
PRO CB   C N N 263 
PRO CG   C N N 264 
PRO CD   C N N 265 
PRO OXT  O N N 266 
PRO H    H N N 267 
PRO HA   H N N 268 
PRO HB2  H N N 269 
PRO HB3  H N N 270 
PRO HG2  H N N 271 
PRO HG3  H N N 272 
PRO HD2  H N N 273 
PRO HD3  H N N 274 
PRO HXT  H N N 275 
SER N    N N N 276 
SER CA   C N S 277 
SER C    C N N 278 
SER O    O N N 279 
SER CB   C N N 280 
SER OG   O N N 281 
SER OXT  O N N 282 
SER H    H N N 283 
SER H2   H N N 284 
SER HA   H N N 285 
SER HB2  H N N 286 
SER HB3  H N N 287 
SER HG   H N N 288 
SER HXT  H N N 289 
THR N    N N N 290 
THR CA   C N S 291 
THR C    C N N 292 
THR O    O N N 293 
THR CB   C N R 294 
THR OG1  O N N 295 
THR CG2  C N N 296 
THR OXT  O N N 297 
THR H    H N N 298 
THR H2   H N N 299 
THR HA   H N N 300 
THR HB   H N N 301 
THR HG1  H N N 302 
THR HG21 H N N 303 
THR HG22 H N N 304 
THR HG23 H N N 305 
THR HXT  H N N 306 
TRP N    N N N 307 
TRP CA   C N S 308 
TRP C    C N N 309 
TRP O    O N N 310 
TRP CB   C N N 311 
TRP CG   C Y N 312 
TRP CD1  C Y N 313 
TRP CD2  C Y N 314 
TRP NE1  N Y N 315 
TRP CE2  C Y N 316 
TRP CE3  C Y N 317 
TRP CZ2  C Y N 318 
TRP CZ3  C Y N 319 
TRP CH2  C Y N 320 
TRP OXT  O N N 321 
TRP H    H N N 322 
TRP H2   H N N 323 
TRP HA   H N N 324 
TRP HB2  H N N 325 
TRP HB3  H N N 326 
TRP HD1  H N N 327 
TRP HE1  H N N 328 
TRP HE3  H N N 329 
TRP HZ2  H N N 330 
TRP HZ3  H N N 331 
TRP HH2  H N N 332 
TRP HXT  H N N 333 
TYR N    N N N 334 
TYR CA   C N S 335 
TYR C    C N N 336 
TYR O    O N N 337 
TYR CB   C N N 338 
TYR CG   C Y N 339 
TYR CD1  C Y N 340 
TYR CD2  C Y N 341 
TYR CE1  C Y N 342 
TYR CE2  C Y N 343 
TYR CZ   C Y N 344 
TYR OH   O N N 345 
TYR OXT  O N N 346 
TYR H    H N N 347 
TYR H2   H N N 348 
TYR HA   H N N 349 
TYR HB2  H N N 350 
TYR HB3  H N N 351 
TYR HD1  H N N 352 
TYR HD2  H N N 353 
TYR HE1  H N N 354 
TYR HE2  H N N 355 
TYR HH   H N N 356 
TYR HXT  H N N 357 
VAL N    N N N 358 
VAL CA   C N S 359 
VAL C    C N N 360 
VAL O    O N N 361 
VAL CB   C N N 362 
VAL CG1  C N N 363 
VAL CG2  C N N 364 
VAL OXT  O N N 365 
VAL H    H N N 366 
VAL H2   H N N 367 
VAL HA   H N N 368 
VAL HB   H N N 369 
VAL HG11 H N N 370 
VAL HG12 H N N 371 
VAL HG13 H N N 372 
VAL HG21 H N N 373 
VAL HG22 H N N 374 
VAL HG23 H N N 375 
VAL HXT  H N N 376 
# 
loop_
_chem_comp_bond.comp_id 
_chem_comp_bond.atom_id_1 
_chem_comp_bond.atom_id_2 
_chem_comp_bond.value_order 
_chem_comp_bond.pdbx_aromatic_flag 
_chem_comp_bond.pdbx_stereo_config 
_chem_comp_bond.pdbx_ordinal 
ALA N   CA   sing N N 1   
ALA N   H    sing N N 2   
ALA N   H2   sing N N 3   
ALA CA  C    sing N N 4   
ALA CA  CB   sing N N 5   
ALA CA  HA   sing N N 6   
ALA C   O    doub N N 7   
ALA C   OXT  sing N N 8   
ALA CB  HB1  sing N N 9   
ALA CB  HB2  sing N N 10  
ALA CB  HB3  sing N N 11  
ALA OXT HXT  sing N N 12  
ARG N   CA   sing N N 13  
ARG N   H    sing N N 14  
ARG N   H2   sing N N 15  
ARG CA  C    sing N N 16  
ARG CA  CB   sing N N 17  
ARG CA  HA   sing N N 18  
ARG C   O    doub N N 19  
ARG C   OXT  sing N N 20  
ARG CB  CG   sing N N 21  
ARG CB  HB2  sing N N 22  
ARG CB  HB3  sing N N 23  
ARG CG  CD   sing N N 24  
ARG CG  HG2  sing N N 25  
ARG CG  HG3  sing N N 26  
ARG CD  NE   sing N N 27  
ARG CD  HD2  sing N N 28  
ARG CD  HD3  sing N N 29  
ARG NE  CZ   sing N N 30  
ARG NE  HE   sing N N 31  
ARG CZ  NH1  sing N N 32  
ARG CZ  NH2  doub N N 33  
ARG NH1 HH11 sing N N 34  
ARG NH1 HH12 sing N N 35  
ARG NH2 HH21 sing N N 36  
ARG NH2 HH22 sing N N 37  
ARG OXT HXT  sing N N 38  
ASN N   CA   sing N N 39  
ASN N   H    sing N N 40  
ASN N   H2   sing N N 41  
ASN CA  C    sing N N 42  
ASN CA  CB   sing N N 43  
ASN CA  HA   sing N N 44  
ASN C   O    doub N N 45  
ASN C   OXT  sing N N 46  
ASN CB  CG   sing N N 47  
ASN CB  HB2  sing N N 48  
ASN CB  HB3  sing N N 49  
ASN CG  OD1  doub N N 50  
ASN CG  ND2  sing N N 51  
ASN ND2 HD21 sing N N 52  
ASN ND2 HD22 sing N N 53  
ASN OXT HXT  sing N N 54  
ASP N   CA   sing N N 55  
ASP N   H    sing N N 56  
ASP N   H2   sing N N 57  
ASP CA  C    sing N N 58  
ASP CA  CB   sing N N 59  
ASP CA  HA   sing N N 60  
ASP C   O    doub N N 61  
ASP C   OXT  sing N N 62  
ASP CB  CG   sing N N 63  
ASP CB  HB2  sing N N 64  
ASP CB  HB3  sing N N 65  
ASP CG  OD1  doub N N 66  
ASP CG  OD2  sing N N 67  
ASP OD2 HD2  sing N N 68  
ASP OXT HXT  sing N N 69  
GLN N   CA   sing N N 70  
GLN N   H    sing N N 71  
GLN N   H2   sing N N 72  
GLN CA  C    sing N N 73  
GLN CA  CB   sing N N 74  
GLN CA  HA   sing N N 75  
GLN C   O    doub N N 76  
GLN C   OXT  sing N N 77  
GLN CB  CG   sing N N 78  
GLN CB  HB2  sing N N 79  
GLN CB  HB3  sing N N 80  
GLN CG  CD   sing N N 81  
GLN CG  HG2  sing N N 82  
GLN CG  HG3  sing N N 83  
GLN CD  OE1  doub N N 84  
GLN CD  NE2  sing N N 85  
GLN NE2 HE21 sing N N 86  
GLN NE2 HE22 sing N N 87  
GLN OXT HXT  sing N N 88  
GLU N   CA   sing N N 89  
GLU N   H    sing N N 90  
GLU N   H2   sing N N 91  
GLU CA  C    sing N N 92  
GLU CA  CB   sing N N 93  
GLU CA  HA   sing N N 94  
GLU C   O    doub N N 95  
GLU C   OXT  sing N N 96  
GLU CB  CG   sing N N 97  
GLU CB  HB2  sing N N 98  
GLU CB  HB3  sing N N 99  
GLU CG  CD   sing N N 100 
GLU CG  HG2  sing N N 101 
GLU CG  HG3  sing N N 102 
GLU CD  OE1  doub N N 103 
GLU CD  OE2  sing N N 104 
GLU OE2 HE2  sing N N 105 
GLU OXT HXT  sing N N 106 
GLY N   CA   sing N N 107 
GLY N   H    sing N N 108 
GLY N   H2   sing N N 109 
GLY CA  C    sing N N 110 
GLY CA  HA2  sing N N 111 
GLY CA  HA3  sing N N 112 
GLY C   O    doub N N 113 
GLY C   OXT  sing N N 114 
GLY OXT HXT  sing N N 115 
HIS N   CA   sing N N 116 
HIS N   H    sing N N 117 
HIS N   H2   sing N N 118 
HIS CA  C    sing N N 119 
HIS CA  CB   sing N N 120 
HIS CA  HA   sing N N 121 
HIS C   O    doub N N 122 
HIS C   OXT  sing N N 123 
HIS CB  CG   sing N N 124 
HIS CB  HB2  sing N N 125 
HIS CB  HB3  sing N N 126 
HIS CG  ND1  sing Y N 127 
HIS CG  CD2  doub Y N 128 
HIS ND1 CE1  doub Y N 129 
HIS ND1 HD1  sing N N 130 
HIS CD2 NE2  sing Y N 131 
HIS CD2 HD2  sing N N 132 
HIS CE1 NE2  sing Y N 133 
HIS CE1 HE1  sing N N 134 
HIS NE2 HE2  sing N N 135 
HIS OXT HXT  sing N N 136 
HOH O   H1   sing N N 137 
HOH O   H2   sing N N 138 
ILE N   CA   sing N N 139 
ILE N   H    sing N N 140 
ILE N   H2   sing N N 141 
ILE CA  C    sing N N 142 
ILE CA  CB   sing N N 143 
ILE CA  HA   sing N N 144 
ILE C   O    doub N N 145 
ILE C   OXT  sing N N 146 
ILE CB  CG1  sing N N 147 
ILE CB  CG2  sing N N 148 
ILE CB  HB   sing N N 149 
ILE CG1 CD1  sing N N 150 
ILE CG1 HG12 sing N N 151 
ILE CG1 HG13 sing N N 152 
ILE CG2 HG21 sing N N 153 
ILE CG2 HG22 sing N N 154 
ILE CG2 HG23 sing N N 155 
ILE CD1 HD11 sing N N 156 
ILE CD1 HD12 sing N N 157 
ILE CD1 HD13 sing N N 158 
ILE OXT HXT  sing N N 159 
LEU N   CA   sing N N 160 
LEU N   H    sing N N 161 
LEU N   H2   sing N N 162 
LEU CA  C    sing N N 163 
LEU CA  CB   sing N N 164 
LEU CA  HA   sing N N 165 
LEU C   O    doub N N 166 
LEU C   OXT  sing N N 167 
LEU CB  CG   sing N N 168 
LEU CB  HB2  sing N N 169 
LEU CB  HB3  sing N N 170 
LEU CG  CD1  sing N N 171 
LEU CG  CD2  sing N N 172 
LEU CG  HG   sing N N 173 
LEU CD1 HD11 sing N N 174 
LEU CD1 HD12 sing N N 175 
LEU CD1 HD13 sing N N 176 
LEU CD2 HD21 sing N N 177 
LEU CD2 HD22 sing N N 178 
LEU CD2 HD23 sing N N 179 
LEU OXT HXT  sing N N 180 
LYS N   CA   sing N N 181 
LYS N   H    sing N N 182 
LYS N   H2   sing N N 183 
LYS CA  C    sing N N 184 
LYS CA  CB   sing N N 185 
LYS CA  HA   sing N N 186 
LYS C   O    doub N N 187 
LYS C   OXT  sing N N 188 
LYS CB  CG   sing N N 189 
LYS CB  HB2  sing N N 190 
LYS CB  HB3  sing N N 191 
LYS CG  CD   sing N N 192 
LYS CG  HG2  sing N N 193 
LYS CG  HG3  sing N N 194 
LYS CD  CE   sing N N 195 
LYS CD  HD2  sing N N 196 
LYS CD  HD3  sing N N 197 
LYS CE  NZ   sing N N 198 
LYS CE  HE2  sing N N 199 
LYS CE  HE3  sing N N 200 
LYS NZ  HZ1  sing N N 201 
LYS NZ  HZ2  sing N N 202 
LYS NZ  HZ3  sing N N 203 
LYS OXT HXT  sing N N 204 
MET N   CA   sing N N 205 
MET N   H    sing N N 206 
MET N   H2   sing N N 207 
MET CA  C    sing N N 208 
MET CA  CB   sing N N 209 
MET CA  HA   sing N N 210 
MET C   O    doub N N 211 
MET C   OXT  sing N N 212 
MET CB  CG   sing N N 213 
MET CB  HB2  sing N N 214 
MET CB  HB3  sing N N 215 
MET CG  SD   sing N N 216 
MET CG  HG2  sing N N 217 
MET CG  HG3  sing N N 218 
MET SD  CE   sing N N 219 
MET CE  HE1  sing N N 220 
MET CE  HE2  sing N N 221 
MET CE  HE3  sing N N 222 
MET OXT HXT  sing N N 223 
PHE N   CA   sing N N 224 
PHE N   H    sing N N 225 
PHE N   H2   sing N N 226 
PHE CA  C    sing N N 227 
PHE CA  CB   sing N N 228 
PHE CA  HA   sing N N 229 
PHE C   O    doub N N 230 
PHE C   OXT  sing N N 231 
PHE CB  CG   sing N N 232 
PHE CB  HB2  sing N N 233 
PHE CB  HB3  sing N N 234 
PHE CG  CD1  doub Y N 235 
PHE CG  CD2  sing Y N 236 
PHE CD1 CE1  sing Y N 237 
PHE CD1 HD1  sing N N 238 
PHE CD2 CE2  doub Y N 239 
PHE CD2 HD2  sing N N 240 
PHE CE1 CZ   doub Y N 241 
PHE CE1 HE1  sing N N 242 
PHE CE2 CZ   sing Y N 243 
PHE CE2 HE2  sing N N 244 
PHE CZ  HZ   sing N N 245 
PHE OXT HXT  sing N N 246 
PRO N   CA   sing N N 247 
PRO N   CD   sing N N 248 
PRO N   H    sing N N 249 
PRO CA  C    sing N N 250 
PRO CA  CB   sing N N 251 
PRO CA  HA   sing N N 252 
PRO C   O    doub N N 253 
PRO C   OXT  sing N N 254 
PRO CB  CG   sing N N 255 
PRO CB  HB2  sing N N 256 
PRO CB  HB3  sing N N 257 
PRO CG  CD   sing N N 258 
PRO CG  HG2  sing N N 259 
PRO CG  HG3  sing N N 260 
PRO CD  HD2  sing N N 261 
PRO CD  HD3  sing N N 262 
PRO OXT HXT  sing N N 263 
SER N   CA   sing N N 264 
SER N   H    sing N N 265 
SER N   H2   sing N N 266 
SER CA  C    sing N N 267 
SER CA  CB   sing N N 268 
SER CA  HA   sing N N 269 
SER C   O    doub N N 270 
SER C   OXT  sing N N 271 
SER CB  OG   sing N N 272 
SER CB  HB2  sing N N 273 
SER CB  HB3  sing N N 274 
SER OG  HG   sing N N 275 
SER OXT HXT  sing N N 276 
THR N   CA   sing N N 277 
THR N   H    sing N N 278 
THR N   H2   sing N N 279 
THR CA  C    sing N N 280 
THR CA  CB   sing N N 281 
THR CA  HA   sing N N 282 
THR C   O    doub N N 283 
THR C   OXT  sing N N 284 
THR CB  OG1  sing N N 285 
THR CB  CG2  sing N N 286 
THR CB  HB   sing N N 287 
THR OG1 HG1  sing N N 288 
THR CG2 HG21 sing N N 289 
THR CG2 HG22 sing N N 290 
THR CG2 HG23 sing N N 291 
THR OXT HXT  sing N N 292 
TRP N   CA   sing N N 293 
TRP N   H    sing N N 294 
TRP N   H2   sing N N 295 
TRP CA  C    sing N N 296 
TRP CA  CB   sing N N 297 
TRP CA  HA   sing N N 298 
TRP C   O    doub N N 299 
TRP C   OXT  sing N N 300 
TRP CB  CG   sing N N 301 
TRP CB  HB2  sing N N 302 
TRP CB  HB3  sing N N 303 
TRP CG  CD1  doub Y N 304 
TRP CG  CD2  sing Y N 305 
TRP CD1 NE1  sing Y N 306 
TRP CD1 HD1  sing N N 307 
TRP CD2 CE2  doub Y N 308 
TRP CD2 CE3  sing Y N 309 
TRP NE1 CE2  sing Y N 310 
TRP NE1 HE1  sing N N 311 
TRP CE2 CZ2  sing Y N 312 
TRP CE3 CZ3  doub Y N 313 
TRP CE3 HE3  sing N N 314 
TRP CZ2 CH2  doub Y N 315 
TRP CZ2 HZ2  sing N N 316 
TRP CZ3 CH2  sing Y N 317 
TRP CZ3 HZ3  sing N N 318 
TRP CH2 HH2  sing N N 319 
TRP OXT HXT  sing N N 320 
TYR N   CA   sing N N 321 
TYR N   H    sing N N 322 
TYR N   H2   sing N N 323 
TYR CA  C    sing N N 324 
TYR CA  CB   sing N N 325 
TYR CA  HA   sing N N 326 
TYR C   O    doub N N 327 
TYR C   OXT  sing N N 328 
TYR CB  CG   sing N N 329 
TYR CB  HB2  sing N N 330 
TYR CB  HB3  sing N N 331 
TYR CG  CD1  doub Y N 332 
TYR CG  CD2  sing Y N 333 
TYR CD1 CE1  sing Y N 334 
TYR CD1 HD1  sing N N 335 
TYR CD2 CE2  doub Y N 336 
TYR CD2 HD2  sing N N 337 
TYR CE1 CZ   doub Y N 338 
TYR CE1 HE1  sing N N 339 
TYR CE2 CZ   sing Y N 340 
TYR CE2 HE2  sing N N 341 
TYR CZ  OH   sing N N 342 
TYR OH  HH   sing N N 343 
TYR OXT HXT  sing N N 344 
VAL N   CA   sing N N 345 
VAL N   H    sing N N 346 
VAL N   H2   sing N N 347 
VAL CA  C    sing N N 348 
VAL CA  CB   sing N N 349 
VAL CA  HA   sing N N 350 
VAL C   O    doub N N 351 
VAL C   OXT  sing N N 352 
VAL CB  CG1  sing N N 353 
VAL CB  CG2  sing N N 354 
VAL CB  HB   sing N N 355 
VAL CG1 HG11 sing N N 356 
VAL CG1 HG12 sing N N 357 
VAL CG1 HG13 sing N N 358 
VAL CG2 HG21 sing N N 359 
VAL CG2 HG22 sing N N 360 
VAL CG2 HG23 sing N N 361 
VAL OXT HXT  sing N N 362 
# 
_atom_sites.entry_id                    2HDZ 
_atom_sites.fract_transf_matrix[1][1]   0.00887582 
_atom_sites.fract_transf_matrix[1][2]   -0.01379371 
_atom_sites.fract_transf_matrix[1][3]   0.00956528 
_atom_sites.fract_transf_matrix[2][1]   -0.00913996 
_atom_sites.fract_transf_matrix[2][2]   -0.01614391 
_atom_sites.fract_transf_matrix[2][3]   0.00404717 
_atom_sites.fract_transf_matrix[3][1]   0.00499958 
_atom_sites.fract_transf_matrix[3][2]   -0.00625474 
_atom_sites.fract_transf_matrix[3][3]   -0.01365893 
_atom_sites.fract_transf_vector[1]      0.295962 
_atom_sites.fract_transf_vector[2]      -0.340143 
_atom_sites.fract_transf_vector[3]      0.315563 
# 
loop_
_atom_type.symbol 
C 
N 
O 
S 
# 
loop_
_atom_site.group_PDB 
_atom_site.id 
_atom_site.type_symbol 
_atom_site.label_atom_id 
_atom_site.label_alt_id 
_atom_site.label_comp_id 
_atom_site.label_asym_id 
_atom_site.label_entity_id 
_atom_site.label_seq_id 
_atom_site.pdbx_PDB_ins_code 
_atom_site.Cartn_x 
_atom_site.Cartn_y 
_atom_site.Cartn_z 
_atom_site.occupancy 
_atom_site.B_iso_or_equiv 
_atom_site.pdbx_formal_charge 
_atom_site.auth_seq_id 
_atom_site.auth_comp_id 
_atom_site.auth_asym_id 
_atom_site.auth_atom_id 
_atom_site.pdbx_PDB_model_num 
ATOM   1   N N   . LEU A 1 4  ? -4.686  -12.173 17.719  1.00 34.00 ? 4   LEU A N   1 
ATOM   2   C CA  . LEU A 1 4  ? -3.742  -11.049 17.724  1.00 32.96 ? 4   LEU A CA  1 
ATOM   3   C C   . LEU A 1 4  ? -3.019  -10.790 16.386  1.00 31.67 ? 4   LEU A C   1 
ATOM   4   O O   . LEU A 1 4  ? -2.478  -9.699  16.221  1.00 31.40 ? 4   LEU A O   1 
ATOM   5   C CB  . LEU A 1 4  ? -2.759  -11.172 18.912  1.00 33.43 ? 4   LEU A CB  1 
ATOM   6   C CG  . LEU A 1 4  ? -1.552  -12.115 19.056  1.00 34.82 ? 4   LEU A CG  1 
ATOM   7   C CD1 . LEU A 1 4  ? -1.706  -13.488 18.372  1.00 35.89 ? 4   LEU A CD1 1 
ATOM   8   C CD2 . LEU A 1 4  ? -0.256  -11.416 18.626  1.00 35.46 ? 4   LEU A CD2 1 
ATOM   9   N N   . PRO A 1 5  ? -3.025  -11.763 15.435  1.00 30.85 ? 5   PRO A N   1 
ATOM   10  C CA  . PRO A 1 5  ? -2.392  -11.422 14.153  1.00 30.03 ? 5   PRO A CA  1 
ATOM   11  C C   . PRO A 1 5  ? -3.058  -10.226 13.468  1.00 30.04 ? 5   PRO A C   1 
ATOM   12  O O   . PRO A 1 5  ? -4.284  -10.082 13.463  1.00 29.37 ? 5   PRO A O   1 
ATOM   13  C CB  . PRO A 1 5  ? -2.560  -12.693 13.316  1.00 30.50 ? 5   PRO A CB  1 
ATOM   14  C CG  . PRO A 1 5  ? -2.754  -13.792 14.322  1.00 29.97 ? 5   PRO A CG  1 
ATOM   15  C CD  . PRO A 1 5  ? -3.535  -13.147 15.427  1.00 30.18 ? 5   PRO A CD  1 
ATOM   16  N N   . GLU A 1 6  ? -2.229  -9.349  12.905  1.00 29.77 ? 6   GLU A N   1 
ATOM   17  C CA  . GLU A 1 6  ? -2.719  -8.215  12.134  1.00 29.58 ? 6   GLU A CA  1 
ATOM   18  C C   . GLU A 1 6  ? -3.473  -8.700  10.913  1.00 27.92 ? 6   GLU A C   1 
ATOM   19  O O   . GLU A 1 6  ? -3.062  -9.663  10.297  1.00 27.84 ? 6   GLU A O   1 
ATOM   20  C CB  . GLU A 1 6  ? -1.516  -7.403  11.646  1.00 30.84 ? 6   GLU A CB  1 
ATOM   21  C CG  . GLU A 1 6  ? -0.529  -7.117  12.733  1.00 35.63 ? 6   GLU A CG  1 
ATOM   22  C CD  . GLU A 1 6  ? -0.725  -5.743  13.278  1.00 42.55 ? 6   GLU A CD  1 
ATOM   23  O OE1 . GLU A 1 6  ? -1.549  -5.580  14.216  1.00 45.57 ? 6   GLU A OE1 1 
ATOM   24  O OE2 . GLU A 1 6  ? -0.060  -4.831  12.741  1.00 44.83 ? 6   GLU A OE2 1 
ATOM   25  N N   . SER A 1 7  ? -4.546  -8.010  10.549  1.00 26.89 ? 7   SER A N   1 
ATOM   26  C CA  . SER A 1 7  ? -5.271  -8.285  9.311   1.00 26.77 ? 7   SER A CA  1 
ATOM   27  C C   . SER A 1 7  ? -4.341  -8.250  8.091   1.00 26.17 ? 7   SER A C   1 
ATOM   28  O O   . SER A 1 7  ? -3.334  -7.504  8.105   1.00 26.03 ? 7   SER A O   1 
ATOM   29  C CB  . SER A 1 7  ? -6.391  -7.257  9.140   1.00 27.05 ? 7   SER A CB  1 
ATOM   30  O OG  . SER A 1 7  ? -7.359  -7.469  10.160  1.00 29.74 ? 7   SER A OG  1 
ATOM   31  N N   . PRO A 1 8  ? -4.665  -9.036  7.041   1.00 25.26 ? 8   PRO A N   1 
ATOM   32  C CA  . PRO A 1 8  ? -3.848  -8.989  5.811   1.00 24.86 ? 8   PRO A CA  1 
ATOM   33  C C   . PRO A 1 8  ? -3.987  -7.619  5.136   1.00 24.12 ? 8   PRO A C   1 
ATOM   34  O O   . PRO A 1 8  ? -5.067  -7.048  5.150   1.00 24.15 ? 8   PRO A O   1 
ATOM   35  C CB  . PRO A 1 8  ? -4.441  -10.083 4.909   1.00 25.52 ? 8   PRO A CB  1 
ATOM   36  C CG  . PRO A 1 8  ? -5.643  -10.647 5.622   1.00 24.77 ? 8   PRO A CG  1 
ATOM   37  C CD  . PRO A 1 8  ? -5.814  -9.964  6.946   1.00 25.33 ? 8   PRO A CD  1 
ATOM   38  N N   . LYS A 1 9  ? -2.897  -7.107  4.576   1.00 23.08 ? 9   LYS A N   1 
ATOM   39  C CA  . LYS A 1 9  ? -2.873  -5.791  3.896   1.00 22.89 ? 9   LYS A CA  1 
ATOM   40  C C   . LYS A 1 9  ? -3.187  -5.913  2.409   1.00 22.94 ? 9   LYS A C   1 
ATOM   41  O O   . LYS A 1 9  ? -2.679  -6.819  1.747   1.00 22.17 ? 9   LYS A O   1 
ATOM   42  C CB  . LYS A 1 9  ? -1.491  -5.166  4.071   1.00 22.72 ? 9   LYS A CB  1 
ATOM   43  C CG  . LYS A 1 9  ? -1.148  -4.839  5.523   1.00 25.74 ? 9   LYS A CG  1 
ATOM   44  C CD  . LYS A 1 9  ? 0.280   -4.333  5.621   1.00 32.57 ? 9   LYS A CD  1 
ATOM   45  C CE  . LYS A 1 9  ? 0.752   -4.253  7.064   1.00 36.15 ? 9   LYS A CE  1 
ATOM   46  N NZ  . LYS A 1 9  ? 2.222   -3.933  7.094   1.00 41.49 ? 9   LYS A NZ  1 
ATOM   47  N N   . ARG A 1 10 ? -4.008  -5.002  1.875   1.00 22.27 ? 10  ARG A N   1 
ATOM   48  C CA  . ARG A 1 10 ? -4.347  -5.009  0.446   1.00 23.99 ? 10  ARG A CA  1 
ATOM   49  C C   . ARG A 1 10 ? -3.144  -4.488  -0.351  1.00 21.14 ? 10  ARG A C   1 
ATOM   50  O O   . ARG A 1 10 ? -2.320  -3.790  0.196   1.00 20.60 ? 10  ARG A O   1 
ATOM   51  C CB  . ARG A 1 10 ? -5.542  -4.089  0.165   1.00 23.91 ? 10  ARG A CB  1 
ATOM   52  C CG  . ARG A 1 10 ? -6.898  -4.534  0.747   1.00 29.48 ? 10  ARG A CG  1 
ATOM   53  C CD  . ARG A 1 10 ? -7.989  -3.518  0.355   1.00 28.65 ? 10  ARG A CD  1 
ATOM   54  N NE  . ARG A 1 10 ? -7.612  -2.191  0.828   1.00 39.66 ? 10  ARG A NE  1 
ATOM   55  C CZ  . ARG A 1 10 ? -7.310  -1.155  0.051   1.00 40.73 ? 10  ARG A CZ  1 
ATOM   56  N NH1 . ARG A 1 10 ? -7.382  -1.256  -1.273  1.00 42.24 ? 10  ARG A NH1 1 
ATOM   57  N NH2 . ARG A 1 10 ? -6.956  -0.009  0.615   1.00 41.98 ? 10  ARG A NH2 1 
ATOM   58  N N   . ALA A 1 11 ? -3.071  -4.797  -1.639  1.00 19.85 ? 11  ALA A N   1 
ATOM   59  C CA  . ALA A 1 11 ? -1.961  -4.327  -2.481  1.00 18.50 ? 11  ALA A CA  1 
ATOM   60  C C   . ALA A 1 11 ? -1.740  -2.800  -2.353  1.00 17.38 ? 11  ALA A C   1 
ATOM   61  O O   . ALA A 1 11 ? -0.607  -2.329  -2.213  1.00 16.65 ? 11  ALA A O   1 
ATOM   62  C CB  . ALA A 1 11 ? -2.203  -4.736  -3.942  1.00 18.93 ? 11  ALA A CB  1 
ATOM   63  N N   . GLU A 1 12 ? -2.838  -2.030  -2.362  1.00 16.47 ? 12  GLU A N   1 
ATOM   64  C CA  . GLU A 1 12 ? -2.757  -0.565  -2.343  1.00 16.76 ? 12  GLU A CA  1 
ATOM   65  C C   . GLU A 1 12 ? -2.124  -0.045  -1.050  1.00 16.63 ? 12  GLU A C   1 
ATOM   66  O O   . GLU A 1 12 ? -1.334  0.884   -1.059  1.00 15.74 ? 12  GLU A O   1 
ATOM   67  C CB  . GLU A 1 12 ? -4.143  0.064   -2.506  1.00 16.81 ? 12  GLU A CB  1 
ATOM   68  C CG  . GLU A 1 12 ? -4.090  1.603   -2.583  1.00 18.35 ? 12  GLU A CG  1 
ATOM   69  C CD  . GLU A 1 12 ? -5.470  2.247   -2.759  1.00 18.91 ? 12  GLU A CD  1 
ATOM   70  O OE1 . GLU A 1 12 ? -6.492  1.542   -2.611  1.00 21.98 ? 12  GLU A OE1 1 
ATOM   71  O OE2 . GLU A 1 12 ? -5.506  3.476   -2.986  1.00 19.06 ? 12  GLU A OE2 1 
ATOM   72  N N   . GLU A 1 13 ? -2.508  -0.646  0.061   1.00 17.26 ? 13  GLU A N   1 
ATOM   73  C CA  . GLU A 1 13 ? -1.952  -0.319  1.384   1.00 18.50 ? 13  GLU A CA  1 
ATOM   74  C C   . GLU A 1 13 ? -0.440  -0.591  1.485   1.00 17.43 ? 13  GLU A C   1 
ATOM   75  O O   . GLU A 1 13 ? 0.296   0.226   2.018   1.00 16.55 ? 13  GLU A O   1 
ATOM   76  C CB  . GLU A 1 13 ? -2.754  -1.105  2.427   1.00 17.94 ? 13  GLU A CB  1 
ATOM   77  C CG  . GLU A 1 13 ? -2.266  -1.004  3.842   1.00 24.43 ? 13  GLU A CG  1 
ATOM   78  C CD  . GLU A 1 13 ? -3.195  -1.763  4.814   1.00 24.05 ? 13  GLU A CD  1 
ATOM   79  O OE1 . GLU A 1 13 ? -4.275  -2.271  4.364   1.00 33.13 ? 13  GLU A OE1 1 
ATOM   80  O OE2 . GLU A 1 13 ? -2.824  -1.805  6.004   1.00 34.64 ? 13  GLU A OE2 1 
ATOM   81  N N   . ILE A 1 14 ? 0.009   -1.728  0.950   1.00 16.31 ? 14  ILE A N   1 
ATOM   82  C CA  . ILE A 1 14 ? 1.423   -2.061  0.924   1.00 16.77 ? 14  ILE A CA  1 
ATOM   83  C C   . ILE A 1 14 ? 2.204   -1.023  0.089   1.00 17.66 ? 14  ILE A C   1 
ATOM   84  O O   . ILE A 1 14 ? 3.269   -0.515  0.511   1.00 16.80 ? 14  ILE A O   1 
ATOM   85  C CB  . ILE A 1 14 ? 1.643   -3.508  0.423   1.00 16.21 ? 14  ILE A CB  1 
ATOM   86  C CG1 . ILE A 1 14 ? 0.803   -4.480  1.296   1.00 16.88 ? 14  ILE A CG1 1 
ATOM   87  C CG2 . ILE A 1 14 ? 3.157   -3.874  0.447   1.00 18.21 ? 14  ILE A CG2 1 
ATOM   88  C CD1 . ILE A 1 14 ? 0.970   -5.990  0.923   1.00 16.96 ? 14  ILE A CD1 1 
ATOM   89  N N   . TRP A 1 15 ? 1.659   -0.677  -1.070  1.00 17.60 ? 15  TRP A N   1 
ATOM   90  C CA  . TRP A 1 15 ? 2.273   0.359   -1.891  1.00 18.18 ? 15  TRP A CA  1 
ATOM   91  C C   . TRP A 1 15 ? 2.288   1.692   -1.148  1.00 19.28 ? 15  TRP A C   1 
ATOM   92  O O   . TRP A 1 15 ? 3.328   2.356   -1.103  1.00 19.35 ? 15  TRP A O   1 
ATOM   93  C CB  . TRP A 1 15 ? 1.568   0.483   -3.252  1.00 17.56 ? 15  TRP A CB  1 
ATOM   94  C CG  . TRP A 1 15 ? 2.068   1.659   -4.045  1.00 18.58 ? 15  TRP A CG  1 
ATOM   95  C CD1 . TRP A 1 15 ? 3.215   1.717   -4.777  1.00 18.36 ? 15  TRP A CD1 1 
ATOM   96  C CD2 . TRP A 1 15 ? 1.464   2.971   -4.125  1.00 19.19 ? 15  TRP A CD2 1 
ATOM   97  N NE1 . TRP A 1 15 ? 3.353   2.983   -5.338  1.00 19.24 ? 15  TRP A NE1 1 
ATOM   98  C CE2 . TRP A 1 15 ? 2.295   3.765   -4.940  1.00 18.66 ? 15  TRP A CE2 1 
ATOM   99  C CE3 . TRP A 1 15 ? 0.290   3.543   -3.591  1.00 18.05 ? 15  TRP A CE3 1 
ATOM   100 C CZ2 . TRP A 1 15 ? 1.997   5.109   -5.238  1.00 17.79 ? 15  TRP A CZ2 1 
ATOM   101 C CZ3 . TRP A 1 15 ? 0.003   4.880   -3.901  1.00 18.97 ? 15  TRP A CZ3 1 
ATOM   102 C CH2 . TRP A 1 15 ? 0.860   5.634   -4.721  1.00 17.72 ? 15  TRP A CH2 1 
ATOM   103 N N   . GLN A 1 16 ? 1.143   2.101   -0.591  1.00 19.89 ? 16  GLN A N   1 
ATOM   104 C CA  . GLN A 1 16 ? 1.062   3.345   0.196   1.00 21.53 ? 16  GLN A CA  1 
ATOM   105 C C   . GLN A 1 16 ? 2.153   3.437   1.269   1.00 22.01 ? 16  GLN A C   1 
ATOM   106 O O   . GLN A 1 16 ? 2.791   4.488   1.439   1.00 21.09 ? 16  GLN A O   1 
ATOM   107 C CB  . GLN A 1 16 ? -0.314  3.490   0.865   1.00 21.17 ? 16  GLN A CB  1 
ATOM   108 C CG  . GLN A 1 16 ? -1.458  3.816   -0.093  1.00 21.37 ? 16  GLN A CG  1 
ATOM   109 C CD  . GLN A 1 16 ? -2.787  3.947   0.625   1.00 24.23 ? 16  GLN A CD  1 
ATOM   110 O OE1 . GLN A 1 16 ? -2.989  3.355   1.695   1.00 27.64 ? 16  GLN A OE1 1 
ATOM   111 N NE2 . GLN A 1 16 ? -3.710  4.717   0.034   1.00 22.83 ? 16  GLN A NE2 1 
ATOM   112 N N   . GLN A 1 17 ? 2.357   2.343   1.999   1.00 22.01 ? 17  GLN A N   1 
ATOM   113 C CA  . GLN A 1 17 ? 3.397   2.315   3.031   1.00 23.17 ? 17  GLN A CA  1 
ATOM   114 C C   . GLN A 1 17 ? 4.779   2.626   2.453   1.00 22.63 ? 17  GLN A C   1 
ATOM   115 O O   . GLN A 1 17 ? 5.578   3.313   3.086   1.00 22.44 ? 17  GLN A O   1 
ATOM   116 C CB  . GLN A 1 17 ? 3.369   0.979   3.790   1.00 23.11 ? 17  GLN A CB  1 
ATOM   117 C CG  . GLN A 1 17 ? 2.157   0.846   4.691   1.00 23.18 ? 17  GLN A CG  1 
ATOM   118 C CD  . GLN A 1 17 ? 2.154   -0.435  5.506   1.00 26.91 ? 17  GLN A CD  1 
ATOM   119 O OE1 . GLN A 1 17 ? 3.179   -1.058  5.690   1.00 34.99 ? 17  GLN A OE1 1 
ATOM   120 N NE2 . GLN A 1 17 ? 0.989   -0.834  5.978   1.00 30.87 ? 17  GLN A NE2 1 
ATOM   121 N N   . SER A 1 18 ? 5.029   2.137   1.241   1.00 22.93 ? 18  SER A N   1 
ATOM   122 C CA  . SER A 1 18 ? 6.325   2.280   0.568   1.00 22.57 ? 18  SER A CA  1 
ATOM   123 C C   . SER A 1 18 ? 6.588   3.728   0.144   1.00 22.65 ? 18  SER A C   1 
ATOM   124 O O   . SER A 1 18 ? 7.740   4.139   0.015   1.00 24.02 ? 18  SER A O   1 
ATOM   125 C CB  . SER A 1 18 ? 6.413   1.337   -0.650  1.00 21.95 ? 18  SER A CB  1 
ATOM   126 O OG  . SER A 1 18 ? 5.704   1.861   -1.781  1.00 19.64 ? 18  SER A OG  1 
ATOM   127 N N   . VAL A 1 19 ? 5.534   4.503   -0.057  1.00 22.61 ? 19  VAL A N   1 
ATOM   128 C CA  . VAL A 1 19 ? 5.670   5.869   -0.632  1.00 23.09 ? 19  VAL A CA  1 
ATOM   129 C C   . VAL A 1 19 ? 5.213   7.048   0.246   1.00 23.49 ? 19  VAL A C   1 
ATOM   130 O O   . VAL A 1 19 ? 5.481   8.222   -0.091  1.00 22.89 ? 19  VAL A O   1 
ATOM   131 C CB  . VAL A 1 19 ? 4.918   5.989   -1.973  1.00 23.00 ? 19  VAL A CB  1 
ATOM   132 C CG1 . VAL A 1 19 ? 5.455   4.962   -2.984  1.00 23.07 ? 19  VAL A CG1 1 
ATOM   133 C CG2 . VAL A 1 19 ? 3.393   5.854   -1.773  1.00 22.65 ? 19  VAL A CG2 1 
ATOM   134 N N   . ILE A 1 20 ? 4.500   6.747   1.333   1.00 22.73 ? 20  ILE A N   1 
ATOM   135 C CA  . ILE A 1 20 ? 3.916   7.787   2.184   1.00 23.04 ? 20  ILE A CA  1 
ATOM   136 C C   . ILE A 1 20 ? 4.940   8.861   2.666   1.00 23.43 ? 20  ILE A C   1 
ATOM   137 O O   . ILE A 1 20 ? 4.662   10.053  2.584   1.00 22.71 ? 20  ILE A O   1 
ATOM   138 C CB  . ILE A 1 20 ? 3.074   7.187   3.378   1.00 22.61 ? 20  ILE A CB  1 
ATOM   139 C CG1 . ILE A 1 20 ? 2.392   8.292   4.217   1.00 22.40 ? 20  ILE A CG1 1 
ATOM   140 C CG2 . ILE A 1 20 ? 3.922   6.276   4.275   1.00 22.84 ? 20  ILE A CG2 1 
ATOM   141 C CD1 . ILE A 1 20 ? 1.406   9.175   3.425   1.00 21.61 ? 20  ILE A CD1 1 
ATOM   142 N N   . GLY A 1 21 ? 6.105   8.438   3.150   1.00 24.35 ? 21  GLY A N   1 
ATOM   143 C CA  . GLY A 1 21 ? 7.154   9.381   3.565   1.00 25.87 ? 21  GLY A CA  1 
ATOM   144 C C   . GLY A 1 21 ? 7.482   10.398  2.478   1.00 27.54 ? 21  GLY A C   1 
ATOM   145 O O   . GLY A 1 21 ? 7.575   11.609  2.748   1.00 28.16 ? 21  GLY A O   1 
ATOM   146 N N   . ASP A 1 22 ? 7.629   9.916   1.238   1.00 28.18 ? 22  ASP A N   1 
ATOM   147 C CA  . ASP A 1 22 ? 7.887   10.794  0.088   1.00 29.36 ? 22  ASP A CA  1 
ATOM   148 C C   . ASP A 1 22 ? 6.750   11.762  -0.214  1.00 29.77 ? 22  ASP A C   1 
ATOM   149 O O   . ASP A 1 22 ? 7.006   12.940  -0.444  1.00 29.13 ? 22  ASP A O   1 
ATOM   150 C CB  . ASP A 1 22 ? 8.193   10.003  -1.188  1.00 29.94 ? 22  ASP A CB  1 
ATOM   151 C CG  . ASP A 1 22 ? 9.535   9.302   -1.148  1.00 32.40 ? 22  ASP A CG  1 
ATOM   152 O OD1 . ASP A 1 22 ? 10.383  9.608   -0.284  1.00 35.96 ? 22  ASP A OD1 1 
ATOM   153 O OD2 . ASP A 1 22 ? 9.735   8.413   -1.997  1.00 38.62 ? 22  ASP A OD2 1 
ATOM   154 N N   . TYR A 1 23 ? 5.505   11.283  -0.213  1.00 29.64 ? 23  TYR A N   1 
ATOM   155 C CA  . TYR A 1 23 ? 4.368   12.178  -0.468  1.00 30.24 ? 23  TYR A CA  1 
ATOM   156 C C   . TYR A 1 23 ? 4.187   13.246  0.621   1.00 30.77 ? 23  TYR A C   1 
ATOM   157 O O   . TYR A 1 23 ? 3.863   14.405  0.312   1.00 30.63 ? 23  TYR A O   1 
ATOM   158 C CB  . TYR A 1 23 ? 3.071   11.396  -0.688  1.00 29.66 ? 23  TYR A CB  1 
ATOM   159 C CG  . TYR A 1 23 ? 3.000   10.754  -2.049  1.00 29.31 ? 23  TYR A CG  1 
ATOM   160 C CD1 . TYR A 1 23 ? 3.567   9.505   -2.281  1.00 28.69 ? 23  TYR A CD1 1 
ATOM   161 C CD2 . TYR A 1 23 ? 2.378   11.400  -3.111  1.00 30.83 ? 23  TYR A CD2 1 
ATOM   162 C CE1 . TYR A 1 23 ? 3.498   8.903   -3.539  1.00 29.65 ? 23  TYR A CE1 1 
ATOM   163 C CE2 . TYR A 1 23 ? 2.310   10.810  -4.382  1.00 30.08 ? 23  TYR A CE2 1 
ATOM   164 C CZ  . TYR A 1 23 ? 2.866   9.574   -4.587  1.00 28.95 ? 23  TYR A CZ  1 
ATOM   165 O OH  . TYR A 1 23 ? 2.801   8.998   -5.830  1.00 29.20 ? 23  TYR A OH  1 
ATOM   166 N N   . LEU A 1 24 ? 4.393   12.850  1.878   1.00 31.18 ? 24  LEU A N   1 
ATOM   167 C CA  . LEU A 1 24 ? 4.343   13.778  3.009   1.00 32.05 ? 24  LEU A CA  1 
ATOM   168 C C   . LEU A 1 24 ? 5.421   14.862  2.919   1.00 33.25 ? 24  LEU A C   1 
ATOM   169 O O   . LEU A 1 24 ? 5.145   16.020  3.189   1.00 34.11 ? 24  LEU A O   1 
ATOM   170 C CB  . LEU A 1 24 ? 4.414   13.025  4.356   1.00 30.83 ? 24  LEU A CB  1 
ATOM   171 C CG  . LEU A 1 24 ? 3.154   12.236  4.754   1.00 28.93 ? 24  LEU A CG  1 
ATOM   172 C CD1 . LEU A 1 24 ? 3.353   11.440  6.035   1.00 26.32 ? 24  LEU A CD1 1 
ATOM   173 C CD2 . LEU A 1 24 ? 1.905   13.131  4.875   1.00 27.03 ? 24  LEU A CD2 1 
ATOM   174 N N   . ALA A 1 25 ? 6.637   14.478  2.535   1.00 35.18 ? 25  ALA A N   1 
ATOM   175 C CA  . ALA A 1 25 ? 7.749   15.415  2.326   1.00 37.05 ? 25  ALA A CA  1 
ATOM   176 C C   . ALA A 1 25 ? 7.476   16.341  1.154   1.00 38.42 ? 25  ALA A C   1 
ATOM   177 O O   . ALA A 1 25 ? 7.806   17.518  1.213   1.00 38.93 ? 25  ALA A O   1 
ATOM   178 C CB  . ALA A 1 25 ? 9.070   14.660  2.107   1.00 36.77 ? 25  ALA A CB  1 
ATOM   179 N N   . ARG A 1 26 ? 6.884   15.799  0.091   1.00 39.93 ? 26  ARG A N   1 
ATOM   180 C CA  . ARG A 1 26 ? 6.450   16.595  -1.045  1.00 41.51 ? 26  ARG A CA  1 
ATOM   181 C C   . ARG A 1 26 ? 5.449   17.639  -0.576  1.00 41.75 ? 26  ARG A C   1 
ATOM   182 O O   . ARG A 1 26 ? 5.677   18.834  -0.735  1.00 42.65 ? 26  ARG A O   1 
ATOM   183 C CB  . ARG A 1 26 ? 5.789   15.732  -2.119  1.00 41.71 ? 26  ARG A CB  1 
ATOM   184 C CG  . ARG A 1 26 ? 6.691   14.813  -2.922  1.00 44.60 ? 26  ARG A CG  1 
ATOM   185 C CD  . ARG A 1 26 ? 5.860   14.282  -4.113  1.00 49.88 ? 26  ARG A CD  1 
ATOM   186 N NE  . ARG A 1 26 ? 6.329   13.020  -4.690  1.00 52.28 ? 26  ARG A NE  1 
ATOM   187 C CZ  . ARG A 1 26 ? 6.061   12.619  -5.935  1.00 53.72 ? 26  ARG A CZ  1 
ATOM   188 N NH1 . ARG A 1 26 ? 5.339   13.381  -6.756  1.00 54.11 ? 26  ARG A NH1 1 
ATOM   189 N NH2 . ARG A 1 26 ? 6.533   11.457  -6.370  1.00 54.16 ? 26  ARG A NH2 1 
ATOM   190 N N   . PHE A 1 27 ? 4.349   17.192  0.024   1.00 41.54 ? 27  PHE A N   1 
ATOM   191 C CA  . PHE A 1 27 ? 3.259   18.101  0.342   1.00 41.58 ? 27  PHE A CA  1 
ATOM   192 C C   . PHE A 1 27 ? 3.400   18.804  1.691   1.00 41.88 ? 27  PHE A C   1 
ATOM   193 O O   . PHE A 1 27 ? 2.413   19.260  2.271   1.00 41.91 ? 27  PHE A O   1 
ATOM   194 C CB  . PHE A 1 27 ? 1.912   17.411  0.134   1.00 41.39 ? 27  PHE A CB  1 
ATOM   195 C CG  . PHE A 1 27 ? 1.701   16.982  -1.292  1.00 41.58 ? 27  PHE A CG  1 
ATOM   196 C CD1 . PHE A 1 27 ? 1.455   17.925  -2.285  1.00 41.68 ? 27  PHE A CD1 1 
ATOM   197 C CD2 . PHE A 1 27 ? 1.818   15.647  -1.656  1.00 40.91 ? 27  PHE A CD2 1 
ATOM   198 C CE1 . PHE A 1 27 ? 1.292   17.534  -3.615  1.00 42.25 ? 27  PHE A CE1 1 
ATOM   199 C CE2 . PHE A 1 27 ? 1.658   15.255  -2.970  1.00 41.29 ? 27  PHE A CE2 1 
ATOM   200 C CZ  . PHE A 1 27 ? 1.390   16.196  -3.951  1.00 41.09 ? 27  PHE A CZ  1 
ATOM   201 N N   . LYS A 1 28 ? 4.648   18.892  2.162   1.00 42.15 ? 28  LYS A N   1 
ATOM   202 C CA  . LYS A 1 28 ? 5.011   19.602  3.392   1.00 42.56 ? 28  LYS A CA  1 
ATOM   203 C C   . LYS A 1 28 ? 4.038   19.228  4.496   1.00 42.39 ? 28  LYS A C   1 
ATOM   204 O O   . LYS A 1 28 ? 3.503   20.081  5.208   1.00 42.45 ? 28  LYS A O   1 
ATOM   205 C CB  . LYS A 1 28 ? 5.064   21.121  3.160   1.00 42.47 ? 28  LYS A CB  1 
ATOM   206 C CG  . LYS A 1 28 ? 5.939   21.535  1.966   1.00 42.91 ? 28  LYS A CG  1 
ATOM   207 C CD  . LYS A 1 28 ? 5.885   23.042  1.687   1.00 43.88 ? 28  LYS A CD  1 
ATOM   208 C CE  . LYS A 1 28 ? 4.574   23.470  1.022   1.00 46.32 ? 28  LYS A CE  1 
ATOM   209 N NZ  . LYS A 1 28 ? 4.451   24.955  0.947   1.00 48.07 ? 28  LYS A NZ  1 
ATOM   210 N N   . ASN A 1 29 ? 3.789   17.924  4.588   1.00 41.91 ? 29  ASN A N   1 
ATOM   211 C CA  . ASN A 1 29 ? 2.994   17.317  5.658   1.00 41.24 ? 29  ASN A CA  1 
ATOM   212 C C   . ASN A 1 29 ? 1.505   17.707  5.707   1.00 40.08 ? 29  ASN A C   1 
ATOM   213 O O   . ASN A 1 29 ? 0.854   17.584  6.746   1.00 40.78 ? 29  ASN A O   1 
ATOM   214 C CB  . ASN A 1 29 ? 3.709   17.475  7.004   1.00 41.76 ? 29  ASN A CB  1 
ATOM   215 C CG  . ASN A 1 29 ? 5.085   16.826  7.002   1.00 43.41 ? 29  ASN A CG  1 
ATOM   216 O OD1 . ASN A 1 29 ? 5.206   15.598  6.959   1.00 46.36 ? 29  ASN A OD1 1 
ATOM   217 N ND2 . ASN A 1 29 ? 6.129   17.646  7.041   1.00 44.58 ? 29  ASN A ND2 1 
ATOM   218 N N   . ASP A 1 30 ? 0.978   18.174  4.573   1.00 38.68 ? 30  ASP A N   1 
ATOM   219 C CA  . ASP A 1 30 ? -0.469  18.268  4.361   1.00 36.74 ? 30  ASP A CA  1 
ATOM   220 C C   . ASP A 1 30 ? -0.935  16.836  4.082   1.00 35.45 ? 30  ASP A C   1 
ATOM   221 O O   . ASP A 1 30 ? -0.740  16.317  2.981   1.00 34.49 ? 30  ASP A O   1 
ATOM   222 C CB  . ASP A 1 30 ? -0.786  19.179  3.175   1.00 36.66 ? 30  ASP A CB  1 
ATOM   223 C CG  . ASP A 1 30 ? -2.287  19.337  2.913   1.00 36.21 ? 30  ASP A CG  1 
ATOM   224 O OD1 . ASP A 1 30 ? -3.107  18.575  3.453   1.00 34.21 ? 30  ASP A OD1 1 
ATOM   225 O OD2 . ASP A 1 30 ? -2.652  20.227  2.117   1.00 36.62 ? 30  ASP A OD2 1 
ATOM   226 N N   . ARG A 1 31 ? -1.522  16.207  5.103   1.00 33.91 ? 31  ARG A N   1 
ATOM   227 C CA  . ARG A 1 31 ? -1.841  14.784  5.066   1.00 31.94 ? 31  ARG A CA  1 
ATOM   228 C C   . ARG A 1 31 ? -2.999  14.457  4.139   1.00 31.09 ? 31  ARG A C   1 
ATOM   229 O O   . ARG A 1 31 ? -2.960  13.443  3.468   1.00 29.37 ? 31  ARG A O   1 
ATOM   230 C CB  . ARG A 1 31 ? -2.105  14.245  6.476   1.00 32.36 ? 31  ARG A CB  1 
ATOM   231 C CG  . ARG A 1 31 ? -0.836  14.092  7.319   1.00 32.47 ? 31  ARG A CG  1 
ATOM   232 C CD  . ARG A 1 31 ? -1.194  14.048  8.778   1.00 33.56 ? 31  ARG A CD  1 
ATOM   233 N NE  . ARG A 1 31 ? -0.058  13.751  9.643   1.00 35.66 ? 31  ARG A NE  1 
ATOM   234 C CZ  . ARG A 1 31 ? -0.173  13.588  10.959  1.00 35.39 ? 31  ARG A CZ  1 
ATOM   235 N NH1 . ARG A 1 31 ? -1.373  13.682  11.529  1.00 33.79 ? 31  ARG A NH1 1 
ATOM   236 N NH2 . ARG A 1 31 ? 0.897   13.327  11.701  1.00 36.68 ? 31  ARG A NH2 1 
ATOM   237 N N   . VAL A 1 32 ? -4.023  15.310  4.080   1.00 30.38 ? 32  VAL A N   1 
ATOM   238 C CA  . VAL A 1 32 ? -5.157  15.035  3.177   1.00 29.85 ? 32  VAL A CA  1 
ATOM   239 C C   . VAL A 1 32 ? -4.757  15.096  1.702   1.00 29.11 ? 32  VAL A C   1 
ATOM   240 O O   . VAL A 1 32 ? -5.241  14.309  0.891   1.00 27.63 ? 32  VAL A O   1 
ATOM   241 C CB  . VAL A 1 32 ? -6.408  15.916  3.439   1.00 30.63 ? 32  VAL A CB  1 
ATOM   242 C CG1 . VAL A 1 32 ? -6.885  15.765  4.909   1.00 31.26 ? 32  VAL A CG1 1 
ATOM   243 C CG2 . VAL A 1 32 ? -6.150  17.385  3.077   1.00 31.71 ? 32  VAL A CG2 1 
ATOM   244 N N   . LYS A 1 33 ? -3.852  16.016  1.390   1.00 29.03 ? 33  LYS A N   1 
ATOM   245 C CA  . LYS A 1 33 ? -3.331  16.208  0.052   1.00 29.08 ? 33  LYS A CA  1 
ATOM   246 C C   . LYS A 1 33 ? -2.379  15.080  -0.329  1.00 28.42 ? 33  LYS A C   1 
ATOM   247 O O   . LYS A 1 33 ? -2.416  14.605  -1.458  1.00 27.53 ? 33  LYS A O   1 
ATOM   248 C CB  . LYS A 1 33 ? -2.612  17.547  -0.022  1.00 29.88 ? 33  LYS A CB  1 
ATOM   249 C CG  . LYS A 1 33 ? -2.119  17.940  -1.400  1.00 30.67 ? 33  LYS A CG  1 
ATOM   250 C CD  . LYS A 1 33 ? -1.698  19.423  -1.416  1.00 33.96 ? 33  LYS A CD  1 
ATOM   251 C CE  . LYS A 1 33 ? -1.403  19.899  -2.820  1.00 34.98 ? 33  LYS A CE  1 
ATOM   252 N NZ  . LYS A 1 33 ? -1.230  21.404  -2.885  1.00 38.13 ? 33  LYS A NZ  1 
ATOM   253 N N   . ALA A 1 34 ? -1.517  14.670  0.607   1.00 27.67 ? 34  ALA A N   1 
ATOM   254 C CA  . ALA A 1 34 ? -0.622  13.533  0.371   1.00 26.92 ? 34  ALA A CA  1 
ATOM   255 C C   . ALA A 1 34 ? -1.463  12.293  0.061   1.00 26.51 ? 34  ALA A C   1 
ATOM   256 O O   . ALA A 1 34 ? -1.177  11.589  -0.891  1.00 26.98 ? 34  ALA A O   1 
ATOM   257 C CB  . ALA A 1 34 ? 0.305   13.292  1.570   1.00 26.83 ? 34  ALA A CB  1 
ATOM   258 N N   . LEU A 1 35 ? -2.513  12.059  0.850   1.00 25.43 ? 35  LEU A N   1 
ATOM   259 C CA  . LEU A 1 35 ? -3.398  10.925  0.657   1.00 25.30 ? 35  LEU A CA  1 
ATOM   260 C C   . LEU A 1 35 ? -4.177  11.024  -0.654  1.00 24.86 ? 35  LEU A C   1 
ATOM   261 O O   . LEU A 1 35 ? -4.410  10.022  -1.326  1.00 23.40 ? 35  LEU A O   1 
ATOM   262 C CB  . LEU A 1 35 ? -4.365  10.793  1.834   1.00 25.87 ? 35  LEU A CB  1 
ATOM   263 C CG  . LEU A 1 35 ? -3.782  10.295  3.175   1.00 28.68 ? 35  LEU A CG  1 
ATOM   264 C CD1 . LEU A 1 35 ? -4.864  10.224  4.259   1.00 29.90 ? 35  LEU A CD1 1 
ATOM   265 C CD2 . LEU A 1 35 ? -3.105  8.925   3.035   1.00 32.05 ? 35  LEU A CD2 1 
ATOM   266 N N   . LYS A 1 36 ? -4.589  12.243  -1.012  1.00 23.46 ? 36  LYS A N   1 
ATOM   267 C CA  . LYS A 1 36 ? -5.280  12.428  -2.280  1.00 22.90 ? 36  LYS A CA  1 
ATOM   268 C C   . LYS A 1 36 ? -4.360  12.074  -3.439  1.00 21.04 ? 36  LYS A C   1 
ATOM   269 O O   . LYS A 1 36 ? -4.767  11.388  -4.359  1.00 21.17 ? 36  LYS A O   1 
ATOM   270 C CB  . LYS A 1 36 ? -5.792  13.878  -2.398  1.00 23.45 ? 36  LYS A CB  1 
ATOM   271 C CG  . LYS A 1 36 ? -6.651  14.121  -3.619  1.00 26.41 ? 36  LYS A CG  1 
ATOM   272 C CD  . LYS A 1 36 ? -7.869  13.191  -3.663  1.00 32.16 ? 36  LYS A CD  1 
ATOM   273 C CE  . LYS A 1 36 ? -8.855  13.645  -4.730  1.00 36.32 ? 36  LYS A CE  1 
ATOM   274 N NZ  . LYS A 1 36 ? -9.942  12.634  -4.870  1.00 40.31 ? 36  LYS A NZ  1 
ATOM   275 N N   . ALA A 1 37 ? -3.136  12.579  -3.389  1.00 20.57 ? 37  ALA A N   1 
ATOM   276 C CA  . ALA A 1 37 ? -2.124  12.353  -4.400  1.00 21.74 ? 37  ALA A CA  1 
ATOM   277 C C   . ALA A 1 37 ? -1.846  10.862  -4.551  1.00 22.05 ? 37  ALA A C   1 
ATOM   278 O O   . ALA A 1 37 ? -1.765  10.340  -5.668  1.00 21.64 ? 37  ALA A O   1 
ATOM   279 C CB  . ALA A 1 37 ? -0.852  13.088  -4.022  1.00 21.95 ? 37  ALA A CB  1 
ATOM   280 N N   . MET A 1 38 ? -1.699  10.166  -3.419  1.00 21.78 ? 38  MET A N   1 
ATOM   281 C CA  . MET A 1 38 ? -1.490  8.724   -3.482  1.00 23.60 ? 38  MET A CA  1 
ATOM   282 C C   . MET A 1 38 ? -2.684  7.994   -4.100  1.00 22.62 ? 38  MET A C   1 
ATOM   283 O O   . MET A 1 38 ? -2.514  7.062   -4.886  1.00 23.51 ? 38  MET A O   1 
ATOM   284 C CB  . MET A 1 38 ? -1.167  8.210   -2.083  1.00 21.66 ? 38  MET A CB  1 
ATOM   285 C CG  . MET A 1 38 ? 0.165   8.763   -1.650  1.00 23.16 ? 38  MET A CG  1 
ATOM   286 S SD  . MET A 1 38 ? 0.468   8.618   0.105   1.00 29.91 ? 38  MET A SD  1 
ATOM   287 C CE  . MET A 1 38 ? 0.197   6.934   0.157   1.00 12.26 ? 38  MET A CE  1 
ATOM   288 N N   . GLU A 1 39 ? -3.893  8.420   -3.756  1.00 23.29 ? 39  GLU A N   1 
ATOM   289 C CA  . GLU A 1 39 ? -5.104  7.827   -4.324  1.00 24.40 ? 39  GLU A CA  1 
ATOM   290 C C   . GLU A 1 39 ? -5.115  7.978   -5.855  1.00 23.79 ? 39  GLU A C   1 
ATOM   291 O O   . GLU A 1 39 ? -5.328  7.002   -6.595  1.00 22.38 ? 39  GLU A O   1 
ATOM   292 C CB  . GLU A 1 39 ? -6.362  8.471   -3.714  1.00 24.51 ? 39  GLU A CB  1 
ATOM   293 C CG  . GLU A 1 39 ? -7.661  7.911   -4.279  1.00 26.84 ? 39  GLU A CG  1 
ATOM   294 C CD  . GLU A 1 39 ? -8.888  8.693   -3.831  1.00 28.33 ? 39  GLU A CD  1 
ATOM   295 O OE1 . GLU A 1 39 ? -8.931  9.926   -4.043  1.00 35.78 ? 39  GLU A OE1 1 
ATOM   296 O OE2 . GLU A 1 39 ? -9.825  8.078   -3.291  1.00 34.39 ? 39  GLU A OE2 1 
ATOM   297 N N   . MET A 1 40 ? -4.854  9.201   -6.328  1.00 22.96 ? 40  MET A N   1 
ATOM   298 C CA  . MET A 1 40 ? -4.766  9.476   -7.779  1.00 22.77 ? 40  MET A CA  1 
ATOM   299 C C   . MET A 1 40 ? -3.711  8.605   -8.481  1.00 22.06 ? 40  MET A C   1 
ATOM   300 O O   . MET A 1 40 ? -3.914  8.088   -9.595  1.00 21.68 ? 40  MET A O   1 
ATOM   301 C CB  . MET A 1 40 ? -4.410  10.948  -7.984  1.00 22.69 ? 40  MET A CB  1 
ATOM   302 C CG  . MET A 1 40 ? -5.502  11.921  -7.585  1.00 23.68 ? 40  MET A CG  1 
ATOM   303 S SD  . MET A 1 40 ? -4.897  13.632  -7.590  1.00 24.41 ? 40  MET A SD  1 
ATOM   304 C CE  . MET A 1 40 ? -4.476  13.817  -9.323  1.00 26.04 ? 40  MET A CE  1 
ATOM   305 N N   . THR A 1 41 ? -2.569  8.450   -7.818  1.00 21.55 ? 41  THR A N   1 
ATOM   306 C CA  . THR A 1 41 ? -1.442  7.717   -8.391  1.00 21.17 ? 41  THR A CA  1 
ATOM   307 C C   . THR A 1 41 ? -1.778  6.233   -8.543  1.00 20.39 ? 41  THR A C   1 
ATOM   308 O O   . THR A 1 41 ? -1.652  5.688   -9.639  1.00 20.31 ? 41  THR A O   1 
ATOM   309 C CB  . THR A 1 41 ? -0.151  8.003   -7.595  1.00 20.93 ? 41  THR A CB  1 
ATOM   310 O OG1 . THR A 1 41 ? 0.134   9.408   -7.694  1.00 22.08 ? 41  THR A OG1 1 
ATOM   311 C CG2 . THR A 1 41 ? 1.048   7.212   -8.120  1.00 21.89 ? 41  THR A CG2 1 
ATOM   312 N N   . TRP A 1 42 ? -2.223  5.593   -7.457  1.00 20.36 ? 42  TRP A N   1 
ATOM   313 C CA  . TRP A 1 42 ? -2.671  4.207   -7.491  1.00 20.24 ? 42  TRP A CA  1 
ATOM   314 C C   . TRP A 1 42 ? -3.757  3.999   -8.546  1.00 21.64 ? 42  TRP A C   1 
ATOM   315 O O   . TRP A 1 42 ? -3.722  3.028   -9.307  1.00 21.27 ? 42  TRP A O   1 
ATOM   316 C CB  . TRP A 1 42 ? -3.219  3.771   -6.126  1.00 19.48 ? 42  TRP A CB  1 
ATOM   317 C CG  . TRP A 1 42 ? -3.554  2.312   -6.090  1.00 18.84 ? 42  TRP A CG  1 
ATOM   318 C CD1 . TRP A 1 42 ? -4.789  1.767   -6.132  1.00 18.74 ? 42  TRP A CD1 1 
ATOM   319 C CD2 . TRP A 1 42 ? -2.626  1.206   -6.005  1.00 18.01 ? 42  TRP A CD2 1 
ATOM   320 N NE1 . TRP A 1 42 ? -4.711  0.399   -6.071  1.00 17.76 ? 42  TRP A NE1 1 
ATOM   321 C CE2 . TRP A 1 42 ? -3.391  0.028   -6.006  1.00 18.64 ? 42  TRP A CE2 1 
ATOM   322 C CE3 . TRP A 1 42 ? -1.227  1.108   -5.939  1.00 17.56 ? 42  TRP A CE3 1 
ATOM   323 C CZ2 . TRP A 1 42 ? -2.807  -1.249  -5.930  1.00 16.86 ? 42  TRP A CZ2 1 
ATOM   324 C CZ3 . TRP A 1 42 ? -0.647  -0.150  -5.859  1.00 16.43 ? 42  TRP A CZ3 1 
ATOM   325 C CH2 . TRP A 1 42 ? -1.435  -1.307  -5.860  1.00 18.67 ? 42  TRP A CH2 1 
ATOM   326 N N   . ASN A 1 43 ? -4.735  4.897   -8.587  1.00 22.95 ? 43  ASN A N   1 
ATOM   327 C CA  . ASN A 1 43 ? -5.817  4.767   -9.582  1.00 24.23 ? 43  ASN A CA  1 
ATOM   328 C C   . ASN A 1 43 ? -5.329  4.849   -11.035 1.00 24.35 ? 43  ASN A C   1 
ATOM   329 O O   . ASN A 1 43 ? -5.949  4.279   -11.936 1.00 25.68 ? 43  ASN A O   1 
ATOM   330 C CB  . ASN A 1 43 ? -6.927  5.796   -9.318  1.00 24.86 ? 43  ASN A CB  1 
ATOM   331 C CG  . ASN A 1 43 ? -7.798  5.431   -8.117  1.00 26.36 ? 43  ASN A CG  1 
ATOM   332 O OD1 . ASN A 1 43 ? -7.709  4.326   -7.584  1.00 28.85 ? 43  ASN A OD1 1 
ATOM   333 N ND2 . ASN A 1 43 ? -8.650  6.354   -7.694  1.00 26.59 ? 43  ASN A ND2 1 
ATOM   334 N N   . ASN A 1 44 ? -4.218  5.539   -11.261 1.00 23.94 ? 44  ASN A N   1 
ATOM   335 C CA  . ASN A 1 44 ? -3.667  5.710   -12.604 1.00 24.14 ? 44  ASN A CA  1 
ATOM   336 C C   . ASN A 1 44 ? -2.650  4.630   -12.990 1.00 23.70 ? 44  ASN A C   1 
ATOM   337 O O   . ASN A 1 44 ? -2.396  4.418   -14.175 1.00 24.13 ? 44  ASN A O   1 
ATOM   338 C CB  . ASN A 1 44 ? -3.068  7.124   -12.765 1.00 24.26 ? 44  ASN A CB  1 
ATOM   339 C CG  . ASN A 1 44 ? -2.347  7.320   -14.107 1.00 26.34 ? 44  ASN A CG  1 
ATOM   340 O OD1 . ASN A 1 44 ? -2.989  7.465   -15.122 1.00 25.16 ? 44  ASN A OD1 1 
ATOM   341 N ND2 . ASN A 1 44 ? -0.997  7.296   -14.095 1.00 29.88 ? 44  ASN A ND2 1 
ATOM   342 N N   . MET A 1 45 ? -2.081  3.945   -11.991 1.00 23.57 ? 45  MET A N   1 
ATOM   343 C CA  . MET A 1 45 ? -1.096  2.869   -12.201 1.00 23.54 ? 45  MET A CA  1 
ATOM   344 C C   . MET A 1 45 ? -1.673  1.723   -13.021 1.00 23.43 ? 45  MET A C   1 
ATOM   345 O O   . MET A 1 45 ? -2.798  1.276   -12.755 1.00 23.05 ? 45  MET A O   1 
ATOM   346 C CB  . MET A 1 45 ? -0.569  2.334   -10.849 1.00 22.76 ? 45  MET A CB  1 
ATOM   347 C CG  . MET A 1 45 ? 0.390   3.339   -10.115 1.00 24.74 ? 45  MET A CG  1 
ATOM   348 S SD  . MET A 1 45 ? 1.019   3.002   -8.429  1.00 26.39 ? 45  MET A SD  1 
ATOM   349 C CE  . MET A 1 45 ? 1.388   1.261   -8.691  1.00 24.26 ? 45  MET A CE  1 
ATOM   350 N N   . GLU A 1 46 ? -0.900  1.247   -14.004 1.00 22.91 ? 46  GLU A N   1 
ATOM   351 C CA  . GLU A 1 46 ? -1.303  0.093   -14.829 1.00 24.34 ? 46  GLU A CA  1 
ATOM   352 C C   . GLU A 1 46 ? -1.169  -1.204  -14.036 1.00 23.75 ? 46  GLU A C   1 
ATOM   353 O O   . GLU A 1 46 ? -0.400  -1.258  -13.085 1.00 21.08 ? 46  GLU A O   1 
ATOM   354 C CB  . GLU A 1 46 ? -0.382  -0.035  -16.037 1.00 24.84 ? 46  GLU A CB  1 
ATOM   355 C CG  . GLU A 1 46 ? -0.397  1.142   -16.993 1.00 30.68 ? 46  GLU A CG  1 
ATOM   356 C CD  . GLU A 1 46 ? 0.771   1.074   -17.974 1.00 37.05 ? 46  GLU A CD  1 
ATOM   357 O OE1 . GLU A 1 46 ? 1.912   1.434   -17.608 1.00 42.36 ? 46  GLU A OE1 1 
ATOM   358 O OE2 . GLU A 1 46 ? 0.554   0.643   -19.108 1.00 41.34 ? 46  GLU A OE2 1 
ATOM   359 N N   . LYS A 1 47 ? -1.872  -2.253  -14.465 1.00 23.45 ? 47  LYS A N   1 
ATOM   360 C CA  . LYS A 1 47 ? -1.731  -3.563  -13.833 1.00 22.94 ? 47  LYS A CA  1 
ATOM   361 C C   . LYS A 1 47 ? -0.275  -4.014  -13.724 1.00 22.21 ? 47  LYS A C   1 
ATOM   362 O O   . LYS A 1 47 ? 0.130   -4.595  -12.698 1.00 21.22 ? 47  LYS A O   1 
ATOM   363 C CB  . LYS A 1 47 ? -2.602  -4.632  -14.520 1.00 23.56 ? 47  LYS A CB  1 
ATOM   364 C CG  . LYS A 1 47 ? -4.116  -4.325  -14.532 1.00 25.46 ? 47  LYS A CG  1 
ATOM   365 C CD  . LYS A 1 47 ? -4.672  -3.937  -13.119 1.00 25.99 ? 47  LYS A CD  1 
ATOM   366 C CE  . LYS A 1 47 ? -6.227  -3.846  -13.129 1.00 25.99 ? 47  LYS A CE  1 
ATOM   367 N NZ  . LYS A 1 47 ? -6.787  -3.482  -11.783 1.00 29.01 ? 47  LYS A NZ  1 
ATOM   368 N N   . LYS A 1 48 ? 0.521   -3.739  -14.754 1.00 21.86 ? 48  LYS A N   1 
ATOM   369 C CA  . LYS A 1 48 ? 1.943   -4.115  -14.702 1.00 22.56 ? 48  LYS A CA  1 
ATOM   370 C C   . LYS A 1 48 ? 2.726   -3.465  -13.551 1.00 21.59 ? 48  LYS A C   1 
ATOM   371 O O   . LYS A 1 48 ? 3.652   -4.081  -13.028 1.00 20.80 ? 48  LYS A O   1 
ATOM   372 C CB  . LYS A 1 48 ? 2.658   -3.903  -16.044 1.00 22.56 ? 48  LYS A CB  1 
ATOM   373 C CG  . LYS A 1 48 ? 2.890   -2.480  -16.449 1.00 23.97 ? 48  LYS A CG  1 
ATOM   374 C CD  . LYS A 1 48 ? 3.559   -2.436  -17.830 1.00 25.80 ? 48  LYS A CD  1 
ATOM   375 C CE  . LYS A 1 48 ? 2.485   -2.479  -18.925 1.00 29.79 ? 48  LYS A CE  1 
ATOM   376 N NZ  . LYS A 1 48 ? 2.972   -3.022  -20.207 1.00 35.24 ? 48  LYS A NZ  1 
ATOM   377 N N   . GLU A 1 49 ? 2.357   -2.231  -13.188 1.00 20.97 ? 49  GLU A N   1 
ATOM   378 C CA  . GLU A 1 49 ? 2.950   -1.511  -12.066 1.00 21.85 ? 49  GLU A CA  1 
ATOM   379 C C   . GLU A 1 49 ? 2.380   -2.016  -10.738 1.00 20.74 ? 49  GLU A C   1 
ATOM   380 O O   . GLU A 1 49 ? 3.065   -1.995  -9.725  1.00 20.03 ? 49  GLU A O   1 
ATOM   381 C CB  . GLU A 1 49 ? 2.669   -0.002  -12.155 1.00 21.73 ? 49  GLU A CB  1 
ATOM   382 C CG  . GLU A 1 49 ? 2.963   0.679   -13.515 1.00 24.69 ? 49  GLU A CG  1 
ATOM   383 C CD  . GLU A 1 49 ? 2.533   2.171   -13.485 1.00 25.86 ? 49  GLU A CD  1 
ATOM   384 O OE1 . GLU A 1 49 ? 2.972   2.890   -12.540 1.00 31.99 ? 49  GLU A OE1 1 
ATOM   385 O OE2 . GLU A 1 49 ? 1.711   2.598   -14.344 1.00 27.13 ? 49  GLU A OE2 1 
ATOM   386 N N   . LYS A 1 50 ? 1.118   -2.433  -10.733 1.00 19.72 ? 50  LYS A N   1 
ATOM   387 C CA  . LYS A 1 50 ? 0.515   -2.958  -9.493  1.00 19.78 ? 50  LYS A CA  1 
ATOM   388 C C   . LYS A 1 50 ? 0.912   -4.385  -9.162  1.00 18.51 ? 50  LYS A C   1 
ATOM   389 O O   . LYS A 1 50 ? 0.759   -4.830  -8.026  1.00 17.27 ? 50  LYS A O   1 
ATOM   390 C CB  . LYS A 1 50 ? -1.008  -2.909  -9.585  1.00 19.22 ? 50  LYS A CB  1 
ATOM   391 C CG  . LYS A 1 50 ? -1.567  -1.508  -9.655  1.00 21.60 ? 50  LYS A CG  1 
ATOM   392 C CD  . LYS A 1 50 ? -3.076  -1.542  -9.544  1.00 21.49 ? 50  LYS A CD  1 
ATOM   393 C CE  . LYS A 1 50 ? -3.542  -0.109  -9.490  1.00 24.42 ? 50  LYS A CE  1 
ATOM   394 N NZ  . LYS A 1 50 ? -4.990  -0.025  -9.564  1.00 26.72 ? 50  LYS A NZ  1 
ATOM   395 N N   . LEU A 1 51 ? 1.380   -5.125  -10.166 1.00 18.64 ? 51  LEU A N   1 
ATOM   396 C CA  . LEU A 1 51 ? 1.696   -6.547  -9.978  1.00 17.74 ? 51  LEU A CA  1 
ATOM   397 C C   . LEU A 1 51 ? 2.611   -6.848  -8.784  1.00 18.30 ? 51  LEU A C   1 
ATOM   398 O O   . LEU A 1 51 ? 2.340   -7.779  -8.020  1.00 17.86 ? 51  LEU A O   1 
ATOM   399 C CB  . LEU A 1 51 ? 2.285   -7.144  -11.266 1.00 17.72 ? 51  LEU A CB  1 
ATOM   400 C CG  . LEU A 1 51 ? 2.818   -8.571  -11.131 1.00 16.30 ? 51  LEU A CG  1 
ATOM   401 C CD1 . LEU A 1 51 ? 1.699   -9.566  -10.825 1.00 18.19 ? 51  LEU A CD1 1 
ATOM   402 C CD2 . LEU A 1 51 ? 3.633   -8.986  -12.399 1.00 17.87 ? 51  LEU A CD2 1 
ATOM   403 N N   . MET A 1 52 ? 3.723   -6.120  -8.623  1.00 18.05 ? 52  MET A N   1 
ATOM   404 C CA  . MET A 1 52 ? 4.589   -6.424  -7.471  1.00 19.11 ? 52  MET A CA  1 
ATOM   405 C C   . MET A 1 52 ? 3.848   -6.302  -6.133  1.00 17.78 ? 52  MET A C   1 
ATOM   406 O O   . MET A 1 52 ? 4.125   -7.046  -5.190  1.00 17.78 ? 52  MET A O   1 
ATOM   407 C CB  . MET A 1 52 ? 5.859   -5.557  -7.455  1.00 18.97 ? 52  MET A CB  1 
ATOM   408 C CG  . MET A 1 52 ? 5.650   -4.095  -7.140  1.00 20.25 ? 52  MET A CG  1 
ATOM   409 S SD  . MET A 1 52 ? 7.249   -3.238  -7.079  1.00 24.40 ? 52  MET A SD  1 
ATOM   410 C CE  . MET A 1 52 ? 7.964   -3.989  -5.633  1.00 22.19 ? 52  MET A CE  1 
ATOM   411 N N   . TRP A 1 53 ? 2.921   -5.349  -6.060  1.00 17.74 ? 53  TRP A N   1 
ATOM   412 C CA  . TRP A 1 53 ? 2.117   -5.097  -4.857  1.00 18.03 ? 53  TRP A CA  1 
ATOM   413 C C   . TRP A 1 53 ? 1.018   -6.162  -4.652  1.00 18.25 ? 53  TRP A C   1 
ATOM   414 O O   . TRP A 1 53 ? 0.719   -6.555  -3.521  1.00 17.89 ? 53  TRP A O   1 
ATOM   415 C CB  . TRP A 1 53 ? 1.555   -3.657  -4.908  1.00 18.21 ? 53  TRP A CB  1 
ATOM   416 C CG  . TRP A 1 53 ? 2.702   -2.680  -5.171  1.00 19.37 ? 53  TRP A CG  1 
ATOM   417 C CD1 . TRP A 1 53 ? 2.973   -1.992  -6.344  1.00 18.14 ? 53  TRP A CD1 1 
ATOM   418 C CD2 . TRP A 1 53 ? 3.766   -2.380  -4.278  1.00 17.10 ? 53  TRP A CD2 1 
ATOM   419 N NE1 . TRP A 1 53 ? 4.129   -1.250  -6.196  1.00 17.52 ? 53  TRP A NE1 1 
ATOM   420 C CE2 . TRP A 1 53 ? 4.630   -1.479  -4.937  1.00 18.34 ? 53  TRP A CE2 1 
ATOM   421 C CE3 . TRP A 1 53 ? 4.057   -2.764  -2.958  1.00 17.59 ? 53  TRP A CE3 1 
ATOM   422 C CZ2 . TRP A 1 53 ? 5.774   -0.964  -4.327  1.00 19.12 ? 53  TRP A CZ2 1 
ATOM   423 C CZ3 . TRP A 1 53 ? 5.182   -2.254  -2.364  1.00 18.42 ? 53  TRP A CZ3 1 
ATOM   424 C CH2 . TRP A 1 53 ? 6.035   -1.369  -3.049  1.00 18.19 ? 53  TRP A CH2 1 
ATOM   425 N N   . ILE A 1 54 ? 0.431   -6.610  -5.756  1.00 18.04 ? 54  ILE A N   1 
ATOM   426 C CA  . ILE A 1 54 ? -0.492  -7.757  -5.757  1.00 18.93 ? 54  ILE A CA  1 
ATOM   427 C C   . ILE A 1 54 ? 0.217   -8.999  -5.185  1.00 18.49 ? 54  ILE A C   1 
ATOM   428 O O   . ILE A 1 54 ? -0.329  -9.697  -4.342  1.00 18.49 ? 54  ILE A O   1 
ATOM   429 C CB  . ILE A 1 54 ? -1.047  -8.012  -7.176  1.00 19.38 ? 54  ILE A CB  1 
ATOM   430 C CG1 . ILE A 1 54 ? -1.970  -6.836  -7.572  1.00 20.36 ? 54  ILE A CG1 1 
ATOM   431 C CG2 . ILE A 1 54 ? -1.846  -9.358  -7.233  1.00 18.90 ? 54  ILE A CG2 1 
ATOM   432 C CD1 . ILE A 1 54 ? -2.267  -6.768  -9.072  1.00 21.56 ? 54  ILE A CD1 1 
ATOM   433 N N   . LYS A 1 55 ? 1.445   -9.250  -5.618  1.00 18.52 ? 55  LYS A N   1 
ATOM   434 C CA  . LYS A 1 55 ? 2.239   -10.364 -5.084  1.00 19.21 ? 55  LYS A CA  1 
ATOM   435 C C   . LYS A 1 55 ? 2.504   -10.257 -3.585  1.00 19.29 ? 55  LYS A C   1 
ATOM   436 O O   . LYS A 1 55 ? 2.355   -11.237 -2.860  1.00 18.56 ? 55  LYS A O   1 
ATOM   437 C CB  . LYS A 1 55 ? 3.572   -10.485 -5.830  1.00 19.72 ? 55  LYS A CB  1 
ATOM   438 C CG  . LYS A 1 55 ? 3.422   -10.930 -7.261  1.00 19.88 ? 55  LYS A CG  1 
ATOM   439 C CD  . LYS A 1 55 ? 4.794   -11.078 -7.879  1.00 22.33 ? 55  LYS A CD  1 
ATOM   440 C CE  . LYS A 1 55 ? 4.706   -11.719 -9.235  1.00 23.97 ? 55  LYS A CE  1 
ATOM   441 N NZ  . LYS A 1 55 ? 6.101   -11.862 -9.814  1.00 23.91 ? 55  LYS A NZ  1 
ATOM   442 N N   . LYS A 1 56 ? 2.915   -9.073  -3.137  1.00 19.06 ? 56  LYS A N   1 
ATOM   443 C CA  . LYS A 1 56 ? 3.116   -8.791  -1.718  1.00 18.89 ? 56  LYS A CA  1 
ATOM   444 C C   . LYS A 1 56 ? 1.820   -8.991  -0.894  1.00 18.68 ? 56  LYS A C   1 
ATOM   445 O O   . LYS A 1 56 ? 1.856   -9.534  0.218   1.00 18.00 ? 56  LYS A O   1 
ATOM   446 C CB  . LYS A 1 56 ? 3.676   -7.371  -1.539  1.00 18.47 ? 56  LYS A CB  1 
ATOM   447 C CG  . LYS A 1 56 ? 5.104   -7.231  -2.032  1.00 20.02 ? 56  LYS A CG  1 
ATOM   448 C CD  . LYS A 1 56 ? 5.661   -5.847  -1.815  1.00 20.88 ? 56  LYS A CD  1 
ATOM   449 C CE  . LYS A 1 56 ? 7.063   -5.718  -2.408  1.00 23.91 ? 56  LYS A CE  1 
ATOM   450 N NZ  . LYS A 1 56 ? 8.044   -6.552  -1.637  1.00 26.98 ? 56  LYS A NZ  1 
ATOM   451 N N   . ALA A 1 57 ? 0.692   -8.558  -1.441  1.00 18.95 ? 57  ALA A N   1 
ATOM   452 C CA  . ALA A 1 57 ? -0.595  -8.804  -0.795  1.00 20.37 ? 57  ALA A CA  1 
ATOM   453 C C   . ALA A 1 57 ? -0.953  -10.300 -0.695  1.00 21.27 ? 57  ALA A C   1 
ATOM   454 O O   . ALA A 1 57 ? -1.476  -10.755 0.348   1.00 21.76 ? 57  ALA A O   1 
ATOM   455 C CB  . ALA A 1 57 ? -1.711  -8.019  -1.479  1.00 20.39 ? 57  ALA A CB  1 
ATOM   456 N N   . ALA A 1 58 ? -0.696  -11.054 -1.766  1.00 21.93 ? 58  ALA A N   1 
ATOM   457 C CA  . ALA A 1 58 ? -0.855  -12.519 -1.733  1.00 22.36 ? 58  ALA A CA  1 
ATOM   458 C C   . ALA A 1 58 ? 0.021   -13.161 -0.648  1.00 22.79 ? 58  ALA A C   1 
ATOM   459 O O   . ALA A 1 58 ? -0.443  -14.016 0.093   1.00 23.33 ? 58  ALA A O   1 
ATOM   460 C CB  . ALA A 1 58 ? -0.526  -13.123 -3.089  1.00 22.32 ? 58  ALA A CB  1 
ATOM   461 N N   . GLU A 1 59 ? 1.276   -12.746 -0.547  1.00 22.61 ? 59  GLU A N   1 
ATOM   462 C CA  . GLU A 1 59 ? 2.155   -13.249 0.494   1.00 24.12 ? 59  GLU A CA  1 
ATOM   463 C C   . GLU A 1 59 ? 1.691   -12.841 1.896   1.00 23.67 ? 59  GLU A C   1 
ATOM   464 O O   . GLU A 1 59 ? 1.910   -13.576 2.862   1.00 23.36 ? 59  GLU A O   1 
ATOM   465 C CB  . GLU A 1 59 ? 3.597   -12.793 0.257   1.00 24.24 ? 59  GLU A CB  1 
ATOM   466 C CG  . GLU A 1 59 ? 4.598   -13.144 1.398   1.00 30.72 ? 59  GLU A CG  1 
ATOM   467 C CD  . GLU A 1 59 ? 4.740   -14.660 1.708   1.00 36.51 ? 59  GLU A CD  1 
ATOM   468 O OE1 . GLU A 1 59 ? 4.835   -15.482 0.761   1.00 37.69 ? 59  GLU A OE1 1 
ATOM   469 O OE2 . GLU A 1 59 ? 4.765   -15.025 2.917   1.00 39.99 ? 59  GLU A OE2 1 
ATOM   470 N N   . ASP A 1 60 ? 1.071   -11.674 2.029   1.00 22.79 ? 60  ASP A N   1 
ATOM   471 C CA  . ASP A 1 60 ? 0.642   -11.263 3.371   1.00 22.72 ? 60  ASP A CA  1 
ATOM   472 C C   . ASP A 1 60 ? -0.577  -12.067 3.821   1.00 22.35 ? 60  ASP A C   1 
ATOM   473 O O   . ASP A 1 60 ? -0.778  -12.282 5.008   1.00 23.09 ? 60  ASP A O   1 
ATOM   474 C CB  . ASP A 1 60 ? 0.367   -9.764  3.462   1.00 21.99 ? 60  ASP A CB  1 
ATOM   475 C CG  . ASP A 1 60 ? 0.361   -9.276  4.903   1.00 23.33 ? 60  ASP A CG  1 
ATOM   476 O OD1 . ASP A 1 60 ? 1.274   -9.653  5.653   1.00 23.23 ? 60  ASP A OD1 1 
ATOM   477 O OD2 . ASP A 1 60 ? -0.561  -8.541  5.286   1.00 22.99 ? 60  ASP A OD2 1 
ATOM   478 N N   . GLN A 1 61 ? -1.399  -12.491 2.873   1.00 22.90 ? 61  GLN A N   1 
ATOM   479 C CA  . GLN A 1 61 ? -2.485  -13.423 3.156   1.00 23.85 ? 61  GLN A CA  1 
ATOM   480 C C   . GLN A 1 61 ? -1.932  -14.755 3.691   1.00 24.32 ? 61  GLN A C   1 
ATOM   481 O O   . GLN A 1 61 ? -2.494  -15.337 4.604   1.00 23.49 ? 61  GLN A O   1 
ATOM   482 C CB  . GLN A 1 61 ? -3.316  -13.660 1.896   1.00 24.12 ? 61  GLN A CB  1 
ATOM   483 C CG  . GLN A 1 61 ? -4.607  -14.405 2.164   1.00 27.10 ? 61  GLN A CG  1 
ATOM   484 C CD  . GLN A 1 61 ? -5.578  -13.594 3.027   1.00 26.63 ? 61  GLN A CD  1 
ATOM   485 O OE1 . GLN A 1 61 ? -5.921  -12.462 2.706   1.00 30.97 ? 61  GLN A OE1 1 
ATOM   486 N NE2 . GLN A 1 61 ? -6.043  -14.198 4.098   1.00 33.18 ? 61  GLN A NE2 1 
ATOM   487 N N   . LYS A 1 62 ? -0.817  -15.214 3.127   1.00 24.97 ? 62  LYS A N   1 
ATOM   488 C CA  . LYS A 1 62 ? -0.128  -16.394 3.630   1.00 26.75 ? 62  LYS A CA  1 
ATOM   489 C C   . LYS A 1 62 ? 0.522   -16.139 4.993   1.00 27.07 ? 62  LYS A C   1 
ATOM   490 O O   . LYS A 1 62 ? 0.470   -17.010 5.872   1.00 26.61 ? 62  LYS A O   1 
ATOM   491 C CB  . LYS A 1 62 ? 0.894   -16.900 2.603   1.00 27.32 ? 62  LYS A CB  1 
ATOM   492 C CG  . LYS A 1 62 ? 0.238   -17.423 1.324   1.00 29.74 ? 62  LYS A CG  1 
ATOM   493 C CD  . LYS A 1 62 ? 1.295   -17.884 0.332   1.00 36.03 ? 62  LYS A CD  1 
ATOM   494 C CE  . LYS A 1 62 ? 0.707   -18.003 -1.057  1.00 37.55 ? 62  LYS A CE  1 
ATOM   495 N NZ  . LYS A 1 62 ? 1.723   -17.785 -2.104  1.00 39.04 ? 62  LYS A NZ  1 
ATOM   496 N N   . ARG A 1 63 ? 1.126   -14.960 5.178   1.00 27.41 ? 63  ARG A N   1 
ATOM   497 C CA  . ARG A 1 63 ? 1.599   -14.550 6.518   1.00 28.13 ? 63  ARG A CA  1 
ATOM   498 C C   . ARG A 1 63 ? 0.492   -14.596 7.584   1.00 27.50 ? 63  ARG A C   1 
ATOM   499 O O   . ARG A 1 63 ? 0.682   -15.167 8.652   1.00 27.59 ? 63  ARG A O   1 
ATOM   500 C CB  . ARG A 1 63 ? 2.218   -13.156 6.529   1.00 28.46 ? 63  ARG A CB  1 
ATOM   501 C CG  . ARG A 1 63 ? 2.694   -12.769 7.948   1.00 32.57 ? 63  ARG A CG  1 
ATOM   502 C CD  . ARG A 1 63 ? 2.925   -11.294 8.130   1.00 41.85 ? 63  ARG A CD  1 
ATOM   503 N NE  . ARG A 1 63 ? 4.353   -10.954 8.116   1.00 46.90 ? 63  ARG A NE  1 
ATOM   504 C CZ  . ARG A 1 63 ? 4.872   -9.794  8.536   1.00 48.79 ? 63  ARG A CZ  1 
ATOM   505 N NH1 . ARG A 1 63 ? 4.097   -8.828  9.023   1.00 48.71 ? 63  ARG A NH1 1 
ATOM   506 N NH2 . ARG A 1 63 ? 6.183   -9.600  8.474   1.00 49.65 ? 63  ARG A NH2 1 
ATOM   507 N N   . TYR A 1 64 ? -0.642  -13.961 7.299   1.00 26.66 ? 64  TYR A N   1 
ATOM   508 C CA  . TYR A 1 64 ? -1.830  -14.055 8.165   1.00 26.20 ? 64  TYR A CA  1 
ATOM   509 C C   . TYR A 1 64 ? -2.216  -15.501 8.508   1.00 26.51 ? 64  TYR A C   1 
ATOM   510 O O   . TYR A 1 64 ? -2.425  -15.833 9.679   1.00 25.64 ? 64  TYR A O   1 
ATOM   511 C CB  . TYR A 1 64 ? -2.996  -13.358 7.479   1.00 24.05 ? 64  TYR A CB  1 
ATOM   512 C CG  . TYR A 1 64 ? -4.231  -13.183 8.309   1.00 22.38 ? 64  TYR A CG  1 
ATOM   513 C CD1 . TYR A 1 64 ? -4.193  -12.476 9.517   1.00 20.76 ? 64  TYR A CD1 1 
ATOM   514 C CD2 . TYR A 1 64 ? -5.465  -13.649 7.850   1.00 20.02 ? 64  TYR A CD2 1 
ATOM   515 C CE1 . TYR A 1 64 ? -5.348  -12.271 10.263  1.00 20.15 ? 64  TYR A CE1 1 
ATOM   516 C CE2 . TYR A 1 64 ? -6.625  -13.444 8.578   1.00 20.65 ? 64  TYR A CE2 1 
ATOM   517 C CZ  . TYR A 1 64 ? -6.554  -12.778 9.800   1.00 20.10 ? 64  TYR A CZ  1 
ATOM   518 O OH  . TYR A 1 64 ? -7.688  -12.567 10.519  1.00 20.03 ? 64  TYR A OH  1 
ATOM   519 N N   . GLU A 1 65 ? -2.317  -16.346 7.482   1.00 27.87 ? 65  GLU A N   1 
ATOM   520 C CA  . GLU A 1 65 ? -2.673  -17.762 7.648   1.00 29.90 ? 65  GLU A CA  1 
ATOM   521 C C   . GLU A 1 65 ? -1.681  -18.568 8.504   1.00 30.61 ? 65  GLU A C   1 
ATOM   522 O O   . GLU A 1 65 ? -2.102  -19.362 9.361   1.00 30.77 ? 65  GLU A O   1 
ATOM   523 C CB  . GLU A 1 65 ? -2.923  -18.424 6.287   1.00 29.83 ? 65  GLU A CB  1 
ATOM   524 C CG  . GLU A 1 65 ? -4.150  -17.834 5.580   1.00 31.24 ? 65  GLU A CG  1 
ATOM   525 C CD  . GLU A 1 65 ? -4.214  -18.112 4.075   1.00 32.17 ? 65  GLU A CD  1 
ATOM   526 O OE1 . GLU A 1 65 ? -3.409  -18.897 3.528   1.00 35.53 ? 65  GLU A OE1 1 
ATOM   527 O OE2 . GLU A 1 65 ? -5.111  -17.535 3.429   1.00 38.84 ? 65  GLU A OE2 1 
ATOM   528 N N   . ARG A 1 66 ? -0.380  -18.370 8.278   1.00 31.65 ? 66  ARG A N   1 
ATOM   529 C CA  . ARG A 1 66 ? 0.664   -18.905 9.167   1.00 33.17 ? 66  ARG A CA  1 
ATOM   530 C C   . ARG A 1 66 ? 0.455   -18.452 10.614  1.00 33.07 ? 66  ARG A C   1 
ATOM   531 O O   . ARG A 1 66 ? 0.442   -19.280 11.531  1.00 33.72 ? 66  ARG A O   1 
ATOM   532 C CB  . ARG A 1 66 ? 2.062   -18.472 8.719   1.00 33.08 ? 66  ARG A CB  1 
ATOM   533 C CG  . ARG A 1 66 ? 2.618   -19.214 7.523   1.00 35.31 ? 66  ARG A CG  1 
ATOM   534 C CD  . ARG A 1 66 ? 4.128   -18.957 7.363   1.00 35.63 ? 66  ARG A CD  1 
ATOM   535 N NE  . ARG A 1 66 ? 4.492   -17.540 7.158   1.00 40.60 ? 66  ARG A NE  1 
ATOM   536 C CZ  . ARG A 1 66 ? 4.533   -16.927 5.973   1.00 41.24 ? 66  ARG A CZ  1 
ATOM   537 N NH1 . ARG A 1 66 ? 4.206   -17.580 4.860   1.00 41.80 ? 66  ARG A NH1 1 
ATOM   538 N NH2 . ARG A 1 66 ? 4.900   -15.650 5.896   1.00 42.28 ? 66  ARG A NH2 1 
ATOM   539 N N   . GLU A 1 67 ? 0.287   -17.146 10.821  1.00 33.05 ? 67  GLU A N   1 
ATOM   540 C CA  . GLU A 1 67 ? 0.112   -16.589 12.161  1.00 32.97 ? 67  GLU A CA  1 
ATOM   541 C C   . GLU A 1 67 ? -1.153  -17.068 12.884  1.00 33.21 ? 67  GLU A C   1 
ATOM   542 O O   . GLU A 1 67 ? -1.156  -17.216 14.119  1.00 33.51 ? 67  GLU A O   1 
ATOM   543 C CB  . GLU A 1 67 ? 0.185   -15.070 12.132  1.00 33.00 ? 67  GLU A CB  1 
ATOM   544 C CG  . GLU A 1 67 ? 1.588   -14.584 11.856  1.00 33.31 ? 67  GLU A CG  1 
ATOM   545 C CD  . GLU A 1 67 ? 1.736   -13.110 12.000  1.00 34.13 ? 67  GLU A CD  1 
ATOM   546 O OE1 . GLU A 1 67 ? 0.714   -12.390 12.021  1.00 33.59 ? 67  GLU A OE1 1 
ATOM   547 O OE2 . GLU A 1 67 ? 2.894   -12.650 12.080  1.00 38.15 ? 67  GLU A OE2 1 
ATOM   548 N N   . LEU A 1 68 ? -2.217  -17.320 12.127  1.00 32.67 ? 68  LEU A N   1 
ATOM   549 C CA  . LEU A 1 68 ? -3.415  -17.917 12.699  1.00 32.24 ? 68  LEU A CA  1 
ATOM   550 C C   . LEU A 1 68 ? -3.155  -19.350 13.176  1.00 33.25 ? 68  LEU A C   1 
ATOM   551 O O   . LEU A 1 68 ? -3.632  -19.749 14.237  1.00 33.78 ? 68  LEU A O   1 
ATOM   552 C CB  . LEU A 1 68 ? -4.592  -17.836 11.730  1.00 31.39 ? 68  LEU A CB  1 
ATOM   553 C CG  . LEU A 1 68 ? -5.241  -16.455 11.530  1.00 28.55 ? 68  LEU A CG  1 
ATOM   554 C CD1 . LEU A 1 68 ? -6.305  -16.537 10.438  1.00 26.20 ? 68  LEU A CD1 1 
ATOM   555 C CD2 . LEU A 1 68 ? -5.849  -15.885 12.831  1.00 24.21 ? 68  LEU A CD2 1 
ATOM   556 N N   . SER A 1 69 ? -2.392  -20.125 12.408  1.00 34.30 ? 69  SER A N   1 
ATOM   557 C CA  . SER A 1 69 ? -1.971  -21.451 12.874  1.00 35.40 ? 69  SER A CA  1 
ATOM   558 C C   . SER A 1 69 ? -0.552  -21.437 13.458  1.00 35.89 ? 69  SER A C   1 
ATOM   559 O O   . SER A 1 69 ? -0.273  -20.727 14.436  1.00 36.12 ? 69  SER A O   1 
ATOM   560 C CB  . SER A 1 69 ? -2.092  -22.485 11.764  1.00 35.21 ? 69  SER A CB  1 
ATOM   561 O OG  . SER A 1 69 ? -1.393  -22.085 10.613  1.00 36.15 ? 69  SER A OG  1 
HETATM 562 O O   . HOH B 2 .  ? -5.632  -3.208  -3.668  1.00 10.28 ? 92  HOH A O   1 
HETATM 563 O O   . HOH B 2 .  ? -0.800  -3.459  -17.689 1.00 12.56 ? 93  HOH A O   1 
HETATM 564 O O   . HOH B 2 .  ? 5.071   -4.620  -10.743 1.00 16.99 ? 94  HOH A O   1 
HETATM 565 O O   . HOH B 2 .  ? 6.498   -14.939 -9.526  1.00 25.30 ? 95  HOH A O   1 
HETATM 566 O O   . HOH B 2 .  ? 3.587   13.035  13.783  1.00 25.70 ? 96  HOH A O   1 
HETATM 567 O O   . HOH B 2 .  ? 8.463   7.099   1.074   1.00 26.83 ? 97  HOH A O   1 
HETATM 568 O O   . HOH B 2 .  ? -3.248  -9.373  1.864   1.00 21.55 ? 98  HOH A O   1 
HETATM 569 O O   . HOH B 2 .  ? -3.353  5.023   -2.754  1.00 23.02 ? 99  HOH A O   1 
HETATM 570 O O   . HOH B 2 .  ? -2.370  -15.779 -0.997  1.00 22.89 ? 100 HOH A O   1 
HETATM 571 O O   . HOH B 2 .  ? 7.640   2.114   -3.781  1.00 24.33 ? 101 HOH A O   1 
HETATM 572 O O   . HOH B 2 .  ? 6.411   -8.571  -9.851  1.00 28.53 ? 102 HOH A O   1 
HETATM 573 O O   . HOH B 2 .  ? -9.902  -13.703 9.892   1.00 22.94 ? 103 HOH A O   1 
HETATM 574 O O   . HOH B 2 .  ? -0.789  1.127   6.618   1.00 28.97 ? 104 HOH A O   1 
HETATM 575 O O   . HOH B 2 .  ? 0.427   6.288   -11.546 1.00 23.15 ? 105 HOH A O   1 
HETATM 576 O O   . HOH B 2 .  ? 3.975   -9.261  1.892   1.00 26.41 ? 106 HOH A O   1 
HETATM 577 O O   . HOH B 2 .  ? -3.845  14.140  12.656  1.00 26.06 ? 107 HOH A O   1 
HETATM 578 O O   . HOH B 2 .  ? -2.245  17.852  7.611   1.00 25.85 ? 108 HOH A O   1 
HETATM 579 O O   . HOH B 2 .  ? 6.246   3.260   -6.610  1.00 39.06 ? 109 HOH A O   1 
HETATM 580 O O   . HOH B 2 .  ? 5.379   -1.499  1.770   1.00 22.14 ? 110 HOH A O   1 
HETATM 581 O O   . HOH B 2 .  ? 3.070   13.916  8.877   1.00 33.23 ? 111 HOH A O   1 
HETATM 582 O O   . HOH B 2 .  ? 5.044   -4.704  -20.614 1.00 34.67 ? 112 HOH A O   1 
HETATM 583 O O   . HOH B 2 .  ? -4.324  -20.728 9.054   1.00 33.14 ? 113 HOH A O   1 
HETATM 584 O O   . HOH B 2 .  ? 5.204   -0.236  -8.691  1.00 39.01 ? 114 HOH A O   1 
HETATM 585 O O   . HOH B 2 .  ? -4.102  -1.369  -16.547 1.00 31.41 ? 115 HOH A O   1 
HETATM 586 O O   . HOH B 2 .  ? 3.965   -10.297 4.440   1.00 31.08 ? 116 HOH A O   1 
HETATM 587 O O   . HOH B 2 .  ? -8.338  9.295   -9.231  1.00 24.60 ? 117 HOH A O   1 
HETATM 588 O O   . HOH B 2 .  ? 6.532   -8.382  -5.195  1.00 26.33 ? 118 HOH A O   1 
HETATM 589 O O   . HOH B 2 .  ? 7.263   5.478   3.140   1.00 28.55 ? 119 HOH A O   1 
HETATM 590 O O   . HOH B 2 .  ? 2.980   -15.779 -1.979  1.00 37.52 ? 120 HOH A O   1 
HETATM 591 O O   . HOH B 2 .  ? 7.761   14.976  6.190   1.00 32.16 ? 121 HOH A O   1 
HETATM 592 O O   . HOH B 2 .  ? -7.448  1.626   -8.555  1.00 27.84 ? 122 HOH A O   1 
HETATM 593 O O   . HOH B 2 .  ? 0.740   -10.259 12.920  1.00 28.52 ? 123 HOH A O   1 
HETATM 594 O O   . HOH B 2 .  ? -3.232  -10.327 -4.309  1.00 36.49 ? 124 HOH A O   1 
HETATM 595 O O   . HOH B 2 .  ? 7.904   12.447  5.132   1.00 31.87 ? 125 HOH A O   1 
HETATM 596 O O   . HOH B 2 .  ? -7.338  4.219   -4.840  1.00 38.80 ? 126 HOH A O   1 
HETATM 597 O O   . HOH B 2 .  ? 7.082   -3.021  0.411   1.00 40.97 ? 127 HOH A O   1 
HETATM 598 O O   . HOH B 2 .  ? 4.713   -6.730  2.179   1.00 29.06 ? 128 HOH A O   1 
HETATM 599 O O   . HOH B 2 .  ? 7.958   -8.560  -7.592  1.00 34.61 ? 129 HOH A O   1 
HETATM 600 O O   . HOH B 2 .  ? 3.034   -13.790 -3.791  1.00 31.70 ? 130 HOH A O   1 
HETATM 601 O O   . HOH B 2 .  ? -10.498 -13.609 7.065   1.00 34.72 ? 131 HOH A O   1 
HETATM 602 O O   . HOH B 2 .  ? -4.736  -13.782 -1.735  1.00 35.01 ? 132 HOH A O   1 
HETATM 603 O O   . HOH B 2 .  ? -7.474  12.717  0.924   1.00 38.19 ? 133 HOH A O   1 
HETATM 604 O O   . HOH B 2 .  ? -9.873  4.314   -3.532  1.00 39.27 ? 134 HOH A O   1 
HETATM 605 O O   . HOH B 2 .  ? 0.651   4.950   -15.565 1.00 29.90 ? 135 HOH A O   1 
HETATM 606 O O   . HOH B 2 .  ? -5.680  -21.634 11.100  1.00 39.38 ? 136 HOH A O   1 
HETATM 607 O O   . HOH B 2 .  ? 6.531   -2.110  -10.346 1.00 31.15 ? 137 HOH A O   1 
HETATM 608 O O   . HOH B 2 .  ? 9.554   -0.306  -3.784  1.00 41.73 ? 138 HOH A O   1 
HETATM 609 O O   . HOH B 2 .  ? -5.120  -5.723  12.529  1.00 40.71 ? 139 HOH A O   1 
HETATM 610 O O   . HOH B 2 .  ? 6.309   -10.227 0.558   1.00 37.81 ? 140 HOH A O   1 
HETATM 611 O O   . HOH B 2 .  ? -0.491  -9.988  8.216   1.00 35.14 ? 141 HOH A O   1 
HETATM 612 O O   . HOH B 2 .  ? -8.859  -5.600  11.284  1.00 50.10 ? 142 HOH A O   1 
HETATM 613 O O   . HOH B 2 .  ? 10.446  -5.564  -3.321  1.00 48.02 ? 143 HOH A O   1 
HETATM 614 O O   . HOH B 2 .  ? 3.011   -20.076 4.112   1.00 48.30 ? 144 HOH A O   1 
HETATM 615 O O   . HOH B 2 .  ? -3.182  4.541   -16.570 1.00 28.51 ? 145 HOH A O   1 
HETATM 616 O O   . HOH B 2 .  ? 1.937   16.788  9.831   1.00 57.85 ? 146 HOH A O   1 
HETATM 617 O O   . HOH B 2 .  ? -0.670  -1.598  14.664  1.00 47.79 ? 147 HOH A O   1 
HETATM 618 O O   . HOH B 2 .  ? 10.069  5.879   -1.048  1.00 41.09 ? 148 HOH A O   1 
HETATM 619 O O   . HOH B 2 .  ? 4.941   -15.499 9.774   1.00 42.09 ? 149 HOH A O   1 
HETATM 620 O O   . HOH B 2 .  ? 9.228   12.666  -6.455  1.00 62.36 ? 150 HOH A O   1 
HETATM 621 O O   . HOH B 2 .  ? -8.608  10.205  -7.125  1.00 46.10 ? 151 HOH A O   1 
HETATM 622 O O   . HOH B 2 .  ? -6.661  5.434   -1.654  1.00 30.09 ? 152 HOH A O   1 
HETATM 623 O O   . HOH B 2 .  ? -4.118  -8.730  20.703  1.00 32.29 ? 153 HOH A O   1 
HETATM 624 O O   . HOH B 2 .  ? 6.368   -0.817  -13.336 1.00 45.98 ? 154 HOH A O   1 
HETATM 625 O O   . HOH B 2 .  ? -7.774  12.175  3.631   1.00 35.32 ? 155 HOH A O   1 
HETATM 626 O O   . HOH B 2 .  ? 6.072   -11.030 -1.950  1.00 45.01 ? 156 HOH A O   1 
HETATM 627 O O   . HOH B 2 .  ? -6.258  -20.195 3.580   1.00 39.38 ? 157 HOH A O   1 
HETATM 628 O O   . HOH B 2 .  ? -10.355 5.737   -5.406  1.00 35.60 ? 158 HOH A O   1 
HETATM 629 O O   . HOH B 2 .  ? -7.692  10.535  -0.336  1.00 43.14 ? 159 HOH A O   1 
HETATM 630 O O   . HOH B 2 .  ? -8.988  2.336   -2.307  1.00 38.36 ? 160 HOH A O   1 
HETATM 631 O O   . HOH B 2 .  ? -4.170  -17.116 0.198   1.00 40.19 ? 161 HOH A O   1 
HETATM 632 O O   . HOH B 2 .  ? -8.176  -9.903  10.366  1.00 40.94 ? 162 HOH A O   1 
HETATM 633 O O   . HOH B 2 .  ? -7.661  -7.187  5.282   1.00 47.51 ? 163 HOH A O   1 
HETATM 634 O O   . HOH B 2 .  ? 12.081  5.850   0.926   1.00 59.48 ? 164 HOH A O   1 
HETATM 635 O O   . HOH B 2 .  ? 0.537   -6.182  9.638   1.00 60.43 ? 165 HOH A O   1 
HETATM 636 O O   . HOH B 2 .  ? -12.942 8.105   -3.257  1.00 40.28 ? 166 HOH A O   1 
HETATM 637 O O   . HOH B 2 .  ? -3.041  -1.555  8.708   1.00 57.61 ? 167 HOH A O   1 
HETATM 638 O O   . HOH B 2 .  ? -6.693  -11.608 19.122  1.00 36.07 ? 168 HOH A O   1 
HETATM 639 O O   . HOH B 2 .  ? 7.608   7.930   -4.297  1.00 39.76 ? 169 HOH A O   1 
HETATM 640 O O   . HOH B 2 .  ? -11.048 2.824   -6.633  1.00 43.82 ? 170 HOH A O   1 
HETATM 641 O O   . HOH B 2 .  ? -3.143  -4.759  8.803   1.00 40.66 ? 171 HOH A O   1 
HETATM 642 O O   . HOH B 2 .  ? -4.646  -16.472 16.916  1.00 25.93 ? 172 HOH A O   1 
HETATM 643 O O   . HOH B 2 .  ? 6.688   8.663   -6.476  1.00 65.08 ? 173 HOH A O   1 
HETATM 644 O O   . HOH B 2 .  ? -9.389  -9.701  8.065   1.00 44.12 ? 174 HOH A O   1 
HETATM 645 O O   . HOH B 2 .  ? -5.079  7.571   -0.060  1.00 45.71 ? 175 HOH A O   1 
HETATM 646 O O   . HOH B 2 .  ? -6.100  18.068  -0.768  1.00 41.00 ? 176 HOH A O   1 
HETATM 647 O O   . HOH B 2 .  ? -8.208  1.036   -6.063  1.00 45.50 ? 177 HOH A O   1 
HETATM 648 O O   . HOH B 2 .  ? -1.515  -17.101 -2.950  1.00 39.61 ? 178 HOH A O   1 
HETATM 649 O O   . HOH B 2 .  ? -7.188  -7.612  2.513   1.00 46.30 ? 179 HOH A O   1 
HETATM 650 O O   . HOH B 2 .  ? -5.260  -13.333 19.323  1.00 34.80 ? 180 HOH A O   1 
HETATM 651 O O   . HOH B 2 .  ? 6.507   -13.616 7.298   1.00 47.34 ? 181 HOH A O   1 
HETATM 652 O O   . HOH B 2 .  ? 1.590   21.464  -1.293  1.00 41.89 ? 182 HOH A O   1 
# 
